data_4L1R
#
_entry.id   4L1R
#
_cell.length_a   117.432
_cell.length_b   117.432
_cell.length_c   160.420
_cell.angle_alpha   90.000
_cell.angle_beta   90.000
_cell.angle_gamma   120.000
#
_symmetry.space_group_name_H-M   'P 3'
#
loop_
_entity.id
_entity.type
_entity.pdbx_description
1 polymer 'Envelope glycoprotein B'
2 branched 2-acetamido-2-deoxy-beta-D-glucopyranose-(1-4)-2-acetamido-2-deoxy-beta-D-glucopyranose
3 non-polymer 2-acetamido-2-deoxy-beta-D-glucopyranose
4 non-polymer 'CHLORIDE ION'
5 water water
#
_entity_poly.entity_id   1
_entity_poly.type   'polypeptide(L)'
_entity_poly.pdbx_seq_one_letter_code
;DPAAPTSPGTPGVAAATQAANGGPATPAPPALGAAPTGDPKPKKNKKPKNPTPPRPAGDNATVAAGHATLREHLRDIKAE
NTDANFYVCPPPTGATVVQFEQPRRCPTRPEGQNYTEGIAVVFKENIAPYKFKATMYYKDVTVSQVWFGHRYSQFMGIFE
DRAPVPFEEVIDKINAKGVCRSTAKYVRNNLETTAFHRDDHETDMELKPANAATRTSRGWHTTDLKYNPSRVEAFHRYGT
TVNCIVEEVDARSVYPYDEFVLATGDFVYMSPFYGYREGSHTEHTSYAADRFKQVDGFYARDLTTKARATAPTTRNLLTT
PKFTVAWDWVPKRPSVCTMTKWQEVDEMLRSEYGGSFRFSSDAISTTFTTNLTEYPLSRVDLGDCIGKDARDAMDRIFAR
RYNATHIKVGQPQYYLANGGFLIAYQPLLSNTLAELYVREHLREQSRKPPNPTPPPPGASANASVERIKTTSSIEFARLQ
FTYNHIQRHVNDMLGRVAIAWCELQNHELTLWNEARKLNPNTIASVTVGRRVSARMLGDVMAVSTCVPVAADNVIVQNSM
RISSRPGACYSRPLVSFRYEDQGPLVEGQLGENNELRLTRDAIEPCTVGHRRYFTFGGGYVYFEEYAYSHQLSRADITTV
STFIDLNITMLEDHEFVPLEVYTRHEIKDSGLLDYTEVQRRNQLHDLRFADIDTVIHADANAA
;
_entity_poly.pdbx_strand_id   A,B
#
loop_
_chem_comp.id
_chem_comp.type
_chem_comp.name
_chem_comp.formula
CL non-polymer 'CHLORIDE ION' 'Cl -1'
NAG D-saccharide, beta linking 2-acetamido-2-deoxy-beta-D-glucopyranose 'C8 H15 N O6'
#
# COMPACT_ATOMS: atom_id res chain seq x y z
N ASP A 76 -8.13 -64.11 41.16
CA ASP A 76 -9.36 -63.32 41.12
C ASP A 76 -9.89 -63.11 39.69
N ILE A 77 -9.90 -61.85 39.23
CA ILE A 77 -10.59 -61.48 37.99
C ILE A 77 -9.66 -61.06 36.83
N LYS A 78 -9.58 -61.87 35.78
CA LYS A 78 -8.86 -61.48 34.57
C LYS A 78 -9.78 -60.77 33.59
N ALA A 79 -9.23 -60.34 32.46
CA ALA A 79 -9.99 -59.64 31.43
C ALA A 79 -10.85 -60.60 30.62
N GLU A 80 -12.12 -60.27 30.46
CA GLU A 80 -13.05 -61.11 29.70
C GLU A 80 -12.78 -60.96 28.20
N ASN A 81 -12.27 -59.80 27.82
CA ASN A 81 -11.90 -59.54 26.43
C ASN A 81 -10.38 -59.45 26.30
N THR A 82 -9.79 -60.44 25.63
CA THR A 82 -8.33 -60.53 25.53
C THR A 82 -7.78 -59.95 24.23
N ASP A 83 -8.61 -59.23 23.48
CA ASP A 83 -8.24 -58.74 22.16
C ASP A 83 -7.66 -57.31 22.16
N ALA A 84 -6.86 -57.00 23.17
CA ALA A 84 -6.20 -55.68 23.28
C ALA A 84 -4.89 -55.75 24.06
N ASN A 85 -4.27 -54.59 24.27
CA ASN A 85 -3.01 -54.52 25.01
C ASN A 85 -3.10 -53.61 26.23
N PHE A 86 -2.25 -53.87 27.21
CA PHE A 86 -2.11 -52.98 28.35
C PHE A 86 -0.74 -52.35 28.31
N TYR A 87 -0.59 -51.19 28.93
CA TYR A 87 0.67 -50.46 28.87
C TYR A 87 1.01 -49.83 30.21
N VAL A 88 2.25 -50.03 30.64
CA VAL A 88 2.73 -49.31 31.81
C VAL A 88 3.39 -48.02 31.33
N CYS A 89 2.98 -46.88 31.86
CA CYS A 89 3.49 -45.63 31.31
C CYS A 89 4.20 -44.76 32.33
N PRO A 90 5.48 -45.10 32.62
CA PRO A 90 6.28 -44.35 33.60
C PRO A 90 6.46 -42.89 33.18
N PRO A 91 6.60 -41.99 34.17
CA PRO A 91 6.84 -40.59 33.82
C PRO A 91 8.13 -40.44 33.02
N PRO A 92 8.12 -39.61 31.99
CA PRO A 92 9.30 -39.30 31.19
C PRO A 92 10.20 -38.30 31.90
N THR A 93 11.51 -38.42 31.75
CA THR A 93 12.46 -37.55 32.45
C THR A 93 12.65 -36.20 31.76
N GLY A 94 12.88 -36.23 30.46
CA GLY A 94 13.28 -35.04 29.73
C GLY A 94 14.51 -35.36 28.89
N ALA A 95 14.87 -36.64 28.89
CA ALA A 95 15.92 -37.15 28.03
C ALA A 95 15.50 -36.97 26.58
N THR A 96 14.22 -37.22 26.32
CA THR A 96 13.66 -37.05 24.99
C THR A 96 12.61 -35.95 25.00
N VAL A 97 12.77 -34.99 24.09
CA VAL A 97 11.90 -33.82 24.04
C VAL A 97 11.46 -33.61 22.59
N VAL A 98 10.20 -33.27 22.38
CA VAL A 98 9.70 -33.00 21.02
C VAL A 98 8.96 -31.67 20.97
N GLN A 99 8.71 -31.19 19.77
CA GLN A 99 7.95 -29.96 19.60
C GLN A 99 7.00 -30.17 18.44
N PHE A 100 5.92 -29.38 18.39
CA PHE A 100 5.00 -29.48 17.27
C PHE A 100 5.51 -28.64 16.09
N GLU A 101 5.35 -29.15 14.88
CA GLU A 101 5.66 -28.40 13.68
C GLU A 101 4.80 -27.15 13.61
N GLN A 102 5.44 -26.00 13.39
CA GLN A 102 4.75 -24.73 13.20
C GLN A 102 3.89 -24.74 11.93
N PRO A 103 2.95 -23.79 11.80
CA PRO A 103 2.08 -23.72 10.62
C PRO A 103 2.88 -23.59 9.35
N ARG A 104 2.35 -24.11 8.24
CA ARG A 104 3.09 -24.10 6.99
C ARG A 104 2.64 -22.95 6.12
N ARG A 105 3.51 -22.48 5.23
CA ARG A 105 3.09 -21.48 4.28
C ARG A 105 2.12 -22.12 3.29
N CYS A 106 0.92 -21.58 3.22
CA CYS A 106 -0.10 -22.15 2.35
C CYS A 106 0.03 -21.67 0.92
N PRO A 107 -0.27 -22.56 -0.02
CA PRO A 107 -0.19 -22.28 -1.47
C PRO A 107 -1.16 -21.18 -1.85
N THR A 108 -0.81 -20.42 -2.87
CA THR A 108 -1.73 -19.39 -3.34
C THR A 108 -2.48 -19.85 -4.58
N ARG A 109 -3.64 -19.26 -4.81
CA ARG A 109 -4.35 -19.49 -6.05
C ARG A 109 -3.58 -18.77 -7.13
N PRO A 110 -3.42 -19.42 -8.31
CA PRO A 110 -2.72 -18.79 -9.43
C PRO A 110 -3.46 -17.54 -9.92
N GLU A 111 -2.74 -16.62 -10.56
CA GLU A 111 -3.34 -15.35 -11.02
C GLU A 111 -4.44 -15.58 -12.05
N GLY A 112 -4.26 -16.58 -12.90
CA GLY A 112 -5.30 -16.95 -13.85
C GLY A 112 -5.14 -16.34 -15.22
N GLN A 113 -5.44 -17.13 -16.25
CA GLN A 113 -5.32 -16.69 -17.63
C GLN A 113 -6.24 -15.52 -17.93
N ASN A 114 -5.71 -14.51 -18.60
CA ASN A 114 -6.52 -13.40 -19.04
C ASN A 114 -7.00 -13.65 -20.46
N TYR A 115 -8.30 -13.51 -20.67
CA TYR A 115 -8.88 -13.72 -21.98
C TYR A 115 -9.19 -12.41 -22.68
N THR A 116 -8.95 -12.37 -23.98
CA THR A 116 -9.40 -11.27 -24.81
C THR A 116 -10.73 -11.64 -25.48
N GLU A 117 -11.71 -10.76 -25.40
CA GLU A 117 -12.98 -10.96 -26.10
C GLU A 117 -12.82 -10.53 -27.55
N GLY A 118 -13.33 -11.32 -28.48
CA GLY A 118 -13.21 -11.00 -29.89
C GLY A 118 -14.18 -11.72 -30.81
N ILE A 119 -14.33 -11.20 -32.02
CA ILE A 119 -15.17 -11.84 -33.03
C ILE A 119 -14.25 -12.56 -33.98
N ALA A 120 -14.58 -13.80 -34.34
CA ALA A 120 -13.71 -14.55 -35.21
C ALA A 120 -14.39 -14.99 -36.50
N VAL A 121 -13.58 -15.19 -37.54
CA VAL A 121 -14.03 -15.90 -38.74
C VAL A 121 -12.97 -16.93 -39.13
N VAL A 122 -13.32 -18.21 -39.06
CA VAL A 122 -12.35 -19.27 -39.37
C VAL A 122 -12.42 -19.66 -40.85
N PHE A 123 -11.25 -19.84 -41.48
CA PHE A 123 -11.18 -20.14 -42.90
C PHE A 123 -10.50 -21.47 -43.19
N LYS A 124 -11.00 -22.18 -44.20
CA LYS A 124 -10.42 -23.46 -44.58
C LYS A 124 -9.97 -23.43 -46.02
N GLU A 125 -9.20 -24.43 -46.40
CA GLU A 125 -8.77 -24.61 -47.78
C GLU A 125 -9.97 -24.74 -48.69
N ASN A 126 -9.99 -23.99 -49.78
CA ASN A 126 -11.08 -24.14 -50.74
C ASN A 126 -10.86 -25.33 -51.66
N ILE A 127 -11.71 -26.34 -51.52
CA ILE A 127 -11.59 -27.56 -52.31
C ILE A 127 -12.60 -27.56 -53.44
N ALA A 128 -13.48 -26.54 -53.42
CA ALA A 128 -14.55 -26.40 -54.40
C ALA A 128 -14.07 -25.67 -55.65
N PRO A 129 -14.41 -26.23 -56.82
CA PRO A 129 -13.98 -25.61 -58.08
C PRO A 129 -14.74 -24.31 -58.34
N TYR A 130 -14.23 -23.48 -59.25
CA TYR A 130 -14.98 -22.33 -59.75
C TYR A 130 -16.02 -22.86 -60.70
N LYS A 131 -17.25 -22.34 -60.57
CA LYS A 131 -18.36 -22.79 -61.42
C LYS A 131 -19.02 -21.63 -62.13
N PHE A 132 -19.38 -21.84 -63.40
CA PHE A 132 -20.05 -20.79 -64.15
C PHE A 132 -20.95 -21.30 -65.26
N LYS A 133 -21.74 -20.37 -65.81
CA LYS A 133 -22.66 -20.69 -66.88
C LYS A 133 -22.00 -20.50 -68.25
N ALA A 134 -22.32 -21.40 -69.17
CA ALA A 134 -21.76 -21.36 -70.52
C ALA A 134 -22.77 -21.89 -71.52
N THR A 135 -22.64 -21.48 -72.77
CA THR A 135 -23.51 -21.96 -73.84
C THR A 135 -22.66 -22.63 -74.91
N MET A 136 -23.10 -23.79 -75.41
CA MET A 136 -22.40 -24.45 -76.50
C MET A 136 -23.13 -24.27 -77.82
N TYR A 137 -22.34 -24.13 -78.89
CA TYR A 137 -22.86 -24.02 -80.24
C TYR A 137 -22.11 -25.00 -81.14
N TYR A 138 -22.81 -26.04 -81.57
CA TYR A 138 -22.22 -26.99 -82.51
C TYR A 138 -23.29 -27.61 -83.40
N LYS A 139 -22.86 -28.44 -84.34
CA LYS A 139 -23.81 -29.15 -85.22
C LYS A 139 -23.54 -30.65 -85.24
N ASP A 140 -24.60 -31.44 -85.37
CA ASP A 140 -24.47 -32.89 -85.45
C ASP A 140 -24.44 -33.34 -86.91
N VAL A 141 -23.23 -33.43 -87.46
CA VAL A 141 -23.08 -33.86 -88.84
C VAL A 141 -23.07 -35.39 -88.92
N THR A 142 -24.09 -35.96 -89.57
CA THR A 142 -24.19 -37.42 -89.71
C THR A 142 -24.30 -37.82 -91.19
N VAL A 143 -23.35 -38.63 -91.66
CA VAL A 143 -23.43 -39.17 -93.01
C VAL A 143 -23.58 -40.68 -92.97
N SER A 144 -24.70 -41.18 -93.49
CA SER A 144 -24.95 -42.61 -93.45
C SER A 144 -24.73 -43.22 -94.82
N GLN A 145 -24.42 -44.51 -94.84
CA GLN A 145 -24.31 -45.27 -96.07
C GLN A 145 -25.25 -46.45 -95.99
N VAL A 146 -26.19 -46.55 -96.94
CA VAL A 146 -27.15 -47.65 -96.92
C VAL A 146 -27.12 -48.50 -98.19
N TRP A 147 -27.39 -49.79 -98.03
CA TRP A 147 -27.47 -50.73 -99.16
C TRP A 147 -28.91 -51.26 -99.23
N PHE A 148 -29.32 -51.67 -100.42
CA PHE A 148 -30.69 -52.15 -100.61
C PHE A 148 -30.71 -53.53 -101.27
N GLY A 149 -31.69 -54.34 -100.86
CA GLY A 149 -31.79 -55.71 -101.37
C GLY A 149 -33.24 -56.10 -101.50
N HIS A 150 -33.53 -57.39 -101.48
CA HIS A 150 -34.90 -57.85 -101.60
C HIS A 150 -35.38 -58.51 -100.30
N ARG A 151 -36.16 -57.80 -99.51
CA ARG A 151 -36.48 -56.39 -99.74
C ARG A 151 -36.21 -55.61 -98.45
N TYR A 152 -34.94 -55.41 -98.16
CA TYR A 152 -34.51 -54.77 -96.92
C TYR A 152 -33.57 -53.60 -97.17
N SER A 153 -33.04 -53.05 -96.08
CA SER A 153 -31.99 -52.04 -96.13
C SER A 153 -31.05 -52.27 -94.95
N GLN A 154 -29.78 -51.92 -95.11
CA GLN A 154 -28.81 -52.12 -94.03
C GLN A 154 -27.74 -51.04 -94.06
N PHE A 155 -27.51 -50.39 -92.93
CA PHE A 155 -26.47 -49.37 -92.84
C PHE A 155 -25.10 -49.98 -93.05
N MET A 156 -24.43 -49.58 -94.12
CA MET A 156 -23.07 -50.00 -94.37
C MET A 156 -22.13 -49.20 -93.49
N GLY A 157 -22.61 -48.05 -93.05
CA GLY A 157 -21.90 -47.24 -92.06
C GLY A 157 -22.64 -45.98 -91.62
N ILE A 158 -22.32 -45.50 -90.42
CA ILE A 158 -22.82 -44.21 -89.96
C ILE A 158 -21.69 -43.38 -89.38
N PHE A 159 -21.30 -42.30 -90.06
CA PHE A 159 -20.22 -41.41 -89.64
C PHE A 159 -20.80 -40.23 -88.89
N GLU A 160 -20.44 -40.07 -87.62
CA GLU A 160 -20.94 -38.95 -86.85
C GLU A 160 -19.79 -38.04 -86.41
N ASP A 161 -20.05 -36.72 -86.41
CA ASP A 161 -19.02 -35.77 -86.06
C ASP A 161 -19.67 -34.54 -85.42
N ARG A 162 -18.90 -33.80 -84.64
CA ARG A 162 -19.39 -32.53 -84.11
C ARG A 162 -18.74 -31.32 -84.79
N ALA A 163 -19.57 -30.50 -85.41
CA ALA A 163 -19.11 -29.32 -86.15
C ALA A 163 -19.28 -28.02 -85.39
N PRO A 164 -18.16 -27.35 -85.06
CA PRO A 164 -18.19 -26.05 -84.36
C PRO A 164 -18.89 -24.94 -85.16
N VAL A 165 -19.89 -24.31 -84.55
CA VAL A 165 -20.60 -23.20 -85.17
C VAL A 165 -19.76 -21.92 -85.07
N PRO A 166 -19.38 -21.36 -86.22
CA PRO A 166 -18.54 -20.15 -86.23
C PRO A 166 -19.25 -18.97 -85.59
N PHE A 167 -18.49 -18.02 -85.05
CA PHE A 167 -19.00 -16.80 -84.42
C PHE A 167 -20.17 -16.17 -85.18
N GLU A 168 -20.05 -16.19 -86.51
CA GLU A 168 -20.96 -15.47 -87.39
C GLU A 168 -22.40 -15.90 -87.29
N GLU A 169 -22.62 -17.21 -87.38
CA GLU A 169 -23.99 -17.73 -87.40
C GLU A 169 -24.69 -17.55 -86.05
N VAL A 170 -23.95 -17.70 -84.96
CA VAL A 170 -24.49 -17.52 -83.60
C VAL A 170 -25.09 -16.12 -83.35
N ILE A 171 -24.33 -15.08 -83.70
CA ILE A 171 -24.76 -13.70 -83.48
C ILE A 171 -25.90 -13.29 -84.41
N ASP A 172 -25.85 -13.79 -85.65
CA ASP A 172 -26.71 -13.30 -86.72
C ASP A 172 -27.99 -14.11 -86.95
N LYS A 173 -27.86 -15.44 -86.96
CA LYS A 173 -29.00 -16.31 -87.19
C LYS A 173 -29.69 -16.72 -85.89
N ILE A 174 -28.89 -17.16 -84.91
CA ILE A 174 -29.43 -17.64 -83.65
C ILE A 174 -29.89 -16.48 -82.77
N ASN A 175 -28.92 -15.82 -82.14
CA ASN A 175 -29.17 -14.75 -81.18
C ASN A 175 -30.02 -13.58 -81.73
N ALA A 176 -30.12 -13.46 -83.06
CA ALA A 176 -30.91 -12.39 -83.65
C ALA A 176 -32.31 -12.84 -84.08
N LYS A 177 -32.42 -14.04 -84.65
CA LYS A 177 -33.71 -14.54 -85.12
C LYS A 177 -34.15 -15.82 -84.40
N GLY A 178 -33.20 -16.69 -84.09
CA GLY A 178 -33.51 -17.94 -83.42
C GLY A 178 -33.37 -19.13 -84.35
N VAL A 179 -32.85 -18.86 -85.54
CA VAL A 179 -32.73 -19.87 -86.59
C VAL A 179 -31.27 -20.27 -86.83
N CYS A 180 -31.09 -21.38 -87.53
CA CYS A 180 -29.75 -21.92 -87.76
C CYS A 180 -29.66 -22.40 -89.21
N ARG A 181 -28.43 -22.58 -89.69
CA ARG A 181 -28.22 -23.02 -91.07
C ARG A 181 -28.40 -24.52 -91.26
N SER A 182 -28.77 -24.90 -92.47
CA SER A 182 -28.92 -26.31 -92.83
C SER A 182 -27.59 -26.85 -93.36
N THR A 183 -26.55 -26.04 -93.25
CA THR A 183 -25.21 -26.44 -93.66
C THR A 183 -24.17 -26.24 -92.55
N ALA A 184 -23.23 -27.19 -92.46
CA ALA A 184 -22.09 -27.08 -91.55
C ALA A 184 -20.81 -27.03 -92.36
N LYS A 185 -19.87 -26.19 -91.95
CA LYS A 185 -18.61 -26.09 -92.68
C LYS A 185 -17.51 -25.94 -91.64
N TYR A 186 -16.54 -26.84 -91.69
CA TYR A 186 -15.56 -26.90 -90.61
C TYR A 186 -14.22 -27.54 -91.00
N VAL A 187 -13.30 -27.53 -90.04
CA VAL A 187 -11.98 -28.12 -90.26
C VAL A 187 -11.84 -29.44 -89.47
N ARG A 188 -11.47 -30.49 -90.19
CA ARG A 188 -11.33 -31.82 -89.61
C ARG A 188 -10.24 -32.57 -90.36
N ASN A 189 -9.30 -33.16 -89.62
CA ASN A 189 -8.16 -33.87 -90.21
C ASN A 189 -7.46 -33.09 -91.32
N ASN A 190 -7.35 -31.78 -91.12
CA ASN A 190 -6.63 -30.88 -92.01
C ASN A 190 -7.32 -30.56 -93.34
N LEU A 191 -8.64 -30.78 -93.39
CA LEU A 191 -9.41 -30.51 -94.60
C LEU A 191 -10.64 -29.68 -94.28
N GLU A 192 -10.98 -28.73 -95.15
CA GLU A 192 -12.20 -27.98 -94.98
C GLU A 192 -13.39 -28.72 -95.60
N THR A 193 -14.09 -29.47 -94.75
CA THR A 193 -15.26 -30.23 -95.13
C THR A 193 -16.51 -29.33 -95.09
N THR A 194 -17.57 -29.75 -95.79
CA THR A 194 -18.83 -29.01 -95.80
C THR A 194 -20.01 -29.98 -95.85
N ALA A 195 -20.96 -29.83 -94.93
CA ALA A 195 -22.12 -30.70 -94.90
C ALA A 195 -23.40 -29.97 -95.28
N PHE A 196 -24.36 -30.70 -95.83
CA PHE A 196 -25.64 -30.13 -96.23
C PHE A 196 -26.78 -30.96 -95.67
N HIS A 197 -27.59 -30.35 -94.80
CA HIS A 197 -28.76 -31.06 -94.28
C HIS A 197 -29.69 -31.44 -95.42
N ARG A 198 -30.10 -32.71 -95.44
CA ARG A 198 -30.96 -33.25 -96.49
C ARG A 198 -30.30 -33.16 -97.87
N ASP A 199 -28.99 -32.93 -97.88
CA ASP A 199 -28.20 -32.84 -99.11
C ASP A 199 -28.70 -31.80 -100.08
N ASP A 200 -29.56 -30.90 -99.60
CA ASP A 200 -30.03 -29.79 -100.40
C ASP A 200 -29.10 -28.62 -100.16
N HIS A 201 -29.61 -27.40 -100.29
CA HIS A 201 -28.78 -26.22 -100.06
C HIS A 201 -29.25 -25.44 -98.84
N GLU A 202 -28.58 -24.31 -98.59
CA GLU A 202 -28.81 -23.51 -97.38
C GLU A 202 -30.28 -23.19 -97.14
N THR A 203 -30.66 -23.24 -95.88
CA THR A 203 -32.02 -22.94 -95.45
C THR A 203 -31.97 -22.67 -93.96
N ASP A 204 -32.34 -21.47 -93.55
CA ASP A 204 -32.28 -21.11 -92.14
C ASP A 204 -33.48 -21.68 -91.35
N MET A 205 -33.18 -22.56 -90.40
CA MET A 205 -34.21 -23.34 -89.71
C MET A 205 -34.35 -22.91 -88.25
N GLU A 206 -35.58 -22.69 -87.81
CA GLU A 206 -35.86 -22.24 -86.45
C GLU A 206 -35.31 -23.23 -85.42
N LEU A 207 -34.99 -22.73 -84.23
CA LEU A 207 -34.45 -23.56 -83.16
C LEU A 207 -35.53 -23.95 -82.15
N LYS A 208 -36.23 -25.04 -82.44
CA LYS A 208 -37.24 -25.56 -81.52
C LYS A 208 -36.57 -26.08 -80.25
N PRO A 209 -37.20 -25.87 -79.09
CA PRO A 209 -36.68 -26.35 -77.80
C PRO A 209 -36.42 -27.85 -77.81
N ALA A 210 -35.51 -28.31 -76.97
CA ALA A 210 -35.22 -29.74 -76.89
C ALA A 210 -36.34 -30.46 -76.15
N ASN A 211 -36.49 -31.75 -76.41
CA ASN A 211 -37.54 -32.55 -75.79
C ASN A 211 -37.46 -32.59 -74.26
N ALA A 212 -38.56 -32.97 -73.62
CA ALA A 212 -38.64 -33.01 -72.16
C ALA A 212 -37.61 -33.95 -71.53
N ALA A 213 -36.78 -33.41 -70.65
CA ALA A 213 -35.81 -34.21 -69.90
C ALA A 213 -35.51 -33.56 -68.55
N THR A 214 -35.71 -34.31 -67.48
CA THR A 214 -35.58 -33.79 -66.13
C THR A 214 -34.12 -33.52 -65.75
N ARG A 215 -33.93 -32.56 -64.85
CA ARG A 215 -32.60 -32.22 -64.34
C ARG A 215 -31.57 -31.91 -65.41
N THR A 216 -32.00 -31.32 -66.51
CA THR A 216 -31.06 -30.84 -67.52
C THR A 216 -31.29 -29.36 -67.73
N SER A 217 -30.37 -28.70 -68.42
CA SER A 217 -30.60 -27.32 -68.78
C SER A 217 -31.46 -27.30 -70.02
N ARG A 218 -31.76 -26.12 -70.54
CA ARG A 218 -32.56 -26.01 -71.75
C ARG A 218 -31.69 -26.34 -72.96
N GLY A 219 -32.34 -26.67 -74.08
CA GLY A 219 -31.64 -26.96 -75.32
C GLY A 219 -32.46 -26.68 -76.56
N TRP A 220 -31.77 -26.46 -77.68
CA TRP A 220 -32.45 -26.21 -78.95
C TRP A 220 -31.79 -26.95 -80.12
N HIS A 221 -32.61 -27.61 -80.92
CA HIS A 221 -32.18 -28.30 -82.14
C HIS A 221 -33.04 -27.87 -83.32
N THR A 222 -32.52 -28.02 -84.53
CA THR A 222 -33.24 -27.58 -85.72
C THR A 222 -33.96 -28.73 -86.43
N THR A 223 -33.43 -29.95 -86.26
CA THR A 223 -33.98 -31.12 -86.95
C THR A 223 -34.21 -32.28 -85.98
N ASP A 224 -35.35 -32.95 -86.12
CA ASP A 224 -35.71 -34.05 -85.25
C ASP A 224 -35.27 -35.38 -85.86
N LEU A 225 -35.01 -35.35 -87.17
CA LEU A 225 -34.82 -36.57 -87.95
C LEU A 225 -33.46 -36.66 -88.63
N LYS A 226 -32.97 -37.89 -88.80
CA LYS A 226 -31.78 -38.13 -89.59
C LYS A 226 -32.20 -38.36 -91.03
N TYR A 227 -31.56 -37.68 -91.97
CA TYR A 227 -31.90 -37.87 -93.39
C TYR A 227 -31.19 -39.07 -94.01
N ASN A 228 -31.96 -39.96 -94.62
CA ASN A 228 -31.38 -41.09 -95.32
C ASN A 228 -31.79 -41.12 -96.80
N PRO A 229 -30.88 -41.57 -97.67
CA PRO A 229 -31.07 -41.58 -99.13
C PRO A 229 -32.27 -42.40 -99.58
N SER A 230 -32.85 -42.02 -100.71
CA SER A 230 -33.95 -42.75 -101.32
C SER A 230 -33.50 -44.13 -101.79
N ARG A 231 -34.40 -45.09 -101.75
CA ARG A 231 -34.08 -46.46 -102.15
C ARG A 231 -33.66 -46.61 -103.61
N VAL A 232 -32.45 -47.14 -103.81
CA VAL A 232 -31.98 -47.55 -105.12
C VAL A 232 -31.43 -48.98 -105.00
N GLU A 233 -32.16 -49.94 -105.55
CA GLU A 233 -31.82 -51.37 -105.45
C GLU A 233 -30.38 -51.69 -105.92
N ALA A 234 -29.68 -52.51 -105.13
CA ALA A 234 -28.29 -52.89 -105.40
C ALA A 234 -27.34 -51.70 -105.57
N PHE A 235 -27.42 -50.74 -104.65
CA PHE A 235 -26.56 -49.55 -104.70
C PHE A 235 -26.24 -48.98 -103.33
N HIS A 236 -25.05 -48.39 -103.21
CA HIS A 236 -24.64 -47.67 -102.00
C HIS A 236 -24.87 -46.18 -102.17
N ARG A 237 -25.79 -45.63 -101.38
CA ARG A 237 -26.06 -44.20 -101.42
C ARG A 237 -25.74 -43.54 -100.07
N TYR A 238 -25.37 -42.26 -100.10
CA TYR A 238 -24.96 -41.52 -98.91
C TYR A 238 -25.93 -40.38 -98.60
N GLY A 239 -26.19 -40.17 -97.32
CA GLY A 239 -27.10 -39.13 -96.88
C GLY A 239 -26.53 -38.29 -95.74
N THR A 240 -26.50 -36.98 -95.95
CA THR A 240 -25.95 -36.08 -94.95
C THR A 240 -27.05 -35.54 -94.04
N THR A 241 -26.76 -35.43 -92.74
CA THR A 241 -27.69 -34.84 -91.78
C THR A 241 -27.00 -33.73 -90.99
N VAL A 242 -27.68 -32.61 -90.81
CA VAL A 242 -27.13 -31.52 -90.01
C VAL A 242 -28.13 -31.04 -88.97
N ASN A 243 -27.77 -31.17 -87.69
CA ASN A 243 -28.57 -30.65 -86.60
C ASN A 243 -27.80 -29.62 -85.81
N CYS A 244 -28.18 -28.36 -85.96
CA CYS A 244 -27.51 -27.29 -85.24
C CYS A 244 -28.01 -27.25 -83.79
N ILE A 245 -27.07 -27.37 -82.85
CA ILE A 245 -27.39 -27.57 -81.45
C ILE A 245 -26.89 -26.47 -80.53
N VAL A 246 -27.76 -25.99 -79.66
CA VAL A 246 -27.39 -24.98 -78.68
C VAL A 246 -27.92 -25.34 -77.33
N GLU A 247 -27.03 -25.65 -76.40
CA GLU A 247 -27.44 -25.96 -75.04
C GLU A 247 -26.67 -25.14 -74.02
N GLU A 248 -27.39 -24.75 -72.96
CA GLU A 248 -26.74 -24.09 -71.85
C GLU A 248 -26.05 -25.17 -71.02
N VAL A 249 -24.81 -24.93 -70.63
CA VAL A 249 -24.08 -25.90 -69.83
C VAL A 249 -23.37 -25.26 -68.65
N ASP A 250 -23.15 -26.03 -67.59
CA ASP A 250 -22.35 -25.56 -66.49
C ASP A 250 -20.89 -25.85 -66.81
N ALA A 251 -20.01 -24.98 -66.32
CA ALA A 251 -18.58 -25.11 -66.50
C ALA A 251 -17.89 -25.12 -65.14
N ARG A 252 -16.81 -25.88 -65.02
CA ARG A 252 -16.10 -26.01 -63.75
C ARG A 252 -14.60 -25.99 -63.98
N SER A 253 -13.90 -25.18 -63.20
CA SER A 253 -12.45 -25.12 -63.31
C SER A 253 -11.83 -25.23 -61.94
N VAL A 254 -10.65 -25.87 -61.87
CA VAL A 254 -9.93 -26.00 -60.62
C VAL A 254 -8.62 -25.22 -60.68
N TYR A 255 -8.07 -24.92 -59.50
CA TYR A 255 -6.78 -24.26 -59.39
C TYR A 255 -5.74 -25.05 -60.18
N PRO A 256 -4.83 -24.34 -60.88
CA PRO A 256 -4.73 -22.88 -60.99
C PRO A 256 -5.55 -22.24 -62.10
N TYR A 257 -6.72 -22.78 -62.39
CA TYR A 257 -7.70 -22.13 -63.26
C TYR A 257 -7.22 -21.80 -64.69
N ASP A 258 -6.37 -22.65 -65.28
CA ASP A 258 -5.87 -22.39 -66.63
C ASP A 258 -6.53 -23.23 -67.74
N GLU A 259 -7.63 -23.89 -67.38
CA GLU A 259 -8.41 -24.71 -68.29
C GLU A 259 -9.68 -25.09 -67.55
N PHE A 260 -10.71 -25.57 -68.25
CA PHE A 260 -11.94 -25.95 -67.58
C PHE A 260 -12.74 -26.98 -68.35
N VAL A 261 -13.81 -27.50 -67.74
CA VAL A 261 -14.64 -28.54 -68.35
C VAL A 261 -16.11 -28.14 -68.41
N LEU A 262 -16.84 -28.73 -69.36
CA LEU A 262 -18.28 -28.49 -69.48
C LEU A 262 -19.05 -29.68 -68.91
N ALA A 263 -20.36 -29.52 -68.78
CA ALA A 263 -21.20 -30.58 -68.23
C ALA A 263 -21.21 -31.81 -69.12
N THR A 264 -20.92 -31.60 -70.40
CA THR A 264 -20.93 -32.70 -71.39
C THR A 264 -19.69 -33.56 -71.30
N GLY A 265 -18.70 -33.10 -70.55
CA GLY A 265 -17.47 -33.84 -70.35
C GLY A 265 -16.32 -33.33 -71.21
N ASP A 266 -16.61 -32.35 -72.06
CA ASP A 266 -15.59 -31.82 -72.96
C ASP A 266 -14.60 -30.95 -72.19
N PHE A 267 -13.32 -31.08 -72.51
CA PHE A 267 -12.31 -30.20 -71.94
C PHE A 267 -12.14 -28.95 -72.81
N VAL A 268 -11.72 -27.85 -72.19
CA VAL A 268 -11.38 -26.62 -72.91
C VAL A 268 -10.10 -26.11 -72.28
N TYR A 269 -9.04 -26.02 -73.08
CA TYR A 269 -7.73 -25.71 -72.52
C TYR A 269 -7.40 -24.23 -72.51
N MET A 270 -8.22 -23.47 -71.78
CA MET A 270 -8.01 -22.03 -71.61
C MET A 270 -8.55 -21.59 -70.25
N SER A 271 -7.93 -20.58 -69.65
CA SER A 271 -8.45 -20.00 -68.42
C SER A 271 -9.79 -19.32 -68.69
N PRO A 272 -10.75 -19.50 -67.78
CA PRO A 272 -12.09 -18.90 -67.93
C PRO A 272 -12.08 -17.39 -67.73
N PHE A 273 -10.91 -16.82 -67.54
CA PHE A 273 -10.83 -15.38 -67.36
C PHE A 273 -10.06 -14.73 -68.52
N TYR A 274 -9.87 -15.50 -69.58
CA TYR A 274 -9.20 -15.04 -70.80
C TYR A 274 -10.10 -14.10 -71.59
N GLY A 275 -9.70 -12.83 -71.67
CA GLY A 275 -10.48 -11.84 -72.38
C GLY A 275 -9.57 -10.73 -72.86
N TYR A 276 -10.11 -9.52 -72.94
CA TYR A 276 -9.34 -8.36 -73.39
C TYR A 276 -9.25 -7.30 -72.31
N ARG A 277 -10.41 -6.89 -71.79
CA ARG A 277 -10.50 -5.87 -70.74
C ARG A 277 -9.52 -6.16 -69.61
N GLU A 278 -8.90 -5.10 -69.08
CA GLU A 278 -7.83 -5.22 -68.09
C GLU A 278 -6.70 -6.14 -68.58
N GLY A 279 -5.93 -6.71 -67.65
CA GLY A 279 -4.81 -7.55 -68.01
C GLY A 279 -5.10 -9.04 -67.98
N SER A 280 -6.28 -9.42 -68.47
CA SER A 280 -6.71 -10.82 -68.47
C SER A 280 -6.37 -11.51 -69.79
N HIS A 281 -5.61 -10.82 -70.63
CA HIS A 281 -5.14 -11.38 -71.89
C HIS A 281 -3.87 -12.20 -71.61
N THR A 282 -3.48 -12.24 -70.34
CA THR A 282 -2.26 -12.90 -69.91
C THR A 282 -2.53 -14.34 -69.49
N GLU A 283 -3.81 -14.68 -69.42
CA GLU A 283 -4.23 -16.01 -69.00
C GLU A 283 -3.76 -17.08 -69.98
N HIS A 284 -3.74 -18.32 -69.52
CA HIS A 284 -3.29 -19.44 -70.35
C HIS A 284 -4.30 -19.86 -71.40
N THR A 285 -3.84 -19.98 -72.64
CA THR A 285 -4.63 -20.55 -73.73
C THR A 285 -3.75 -21.48 -74.58
N SER A 286 -4.36 -22.47 -75.20
CA SER A 286 -3.60 -23.38 -76.05
C SER A 286 -4.14 -23.48 -77.48
N TYR A 287 -5.08 -22.61 -77.81
CA TYR A 287 -5.72 -22.60 -79.13
C TYR A 287 -5.22 -21.44 -79.98
N ALA A 288 -5.60 -21.41 -81.25
CA ALA A 288 -5.24 -20.30 -82.13
C ALA A 288 -6.04 -19.05 -81.80
N ALA A 289 -5.46 -17.88 -82.01
CA ALA A 289 -6.08 -16.63 -81.61
C ALA A 289 -7.44 -16.40 -82.27
N ASP A 290 -7.56 -16.87 -83.52
CA ASP A 290 -8.78 -16.73 -84.32
C ASP A 290 -9.93 -17.63 -83.86
N ARG A 291 -9.63 -18.52 -82.91
CA ARG A 291 -10.67 -19.35 -82.30
C ARG A 291 -11.43 -18.55 -81.23
N PHE A 292 -10.86 -17.43 -80.79
CA PHE A 292 -11.50 -16.65 -79.72
C PHE A 292 -11.95 -15.26 -80.12
N LYS A 293 -13.17 -14.92 -79.74
CA LYS A 293 -13.75 -13.60 -79.97
C LYS A 293 -14.61 -13.15 -78.78
N GLN A 294 -14.52 -11.86 -78.42
CA GLN A 294 -15.36 -11.31 -77.36
C GLN A 294 -16.20 -10.12 -77.82
N VAL A 295 -17.50 -10.20 -77.51
CA VAL A 295 -18.50 -9.22 -77.92
C VAL A 295 -18.84 -8.26 -76.79
N ASP A 296 -18.54 -6.98 -77.01
CA ASP A 296 -18.88 -5.97 -76.05
C ASP A 296 -20.32 -5.53 -76.27
N GLY A 297 -21.11 -5.61 -75.21
CA GLY A 297 -22.49 -5.15 -75.24
C GLY A 297 -23.46 -6.20 -75.74
N PHE A 298 -23.07 -7.46 -75.65
CA PHE A 298 -23.85 -8.55 -76.22
C PHE A 298 -25.22 -8.73 -75.54
N TYR A 299 -26.27 -8.45 -76.31
CA TYR A 299 -27.64 -8.63 -75.85
C TYR A 299 -28.12 -10.03 -76.22
N ALA A 300 -28.04 -10.95 -75.29
CA ALA A 300 -28.50 -12.32 -75.53
C ALA A 300 -30.00 -12.34 -75.75
N ARG A 301 -30.47 -13.26 -76.57
CA ARG A 301 -31.91 -13.43 -76.76
C ARG A 301 -32.35 -14.85 -76.44
N ASP A 302 -33.18 -14.98 -75.42
CA ASP A 302 -33.72 -16.26 -74.99
C ASP A 302 -34.45 -16.94 -76.16
N LEU A 303 -33.91 -18.09 -76.58
CA LEU A 303 -34.41 -18.79 -77.75
C LEU A 303 -35.82 -19.33 -77.54
N THR A 304 -36.24 -19.41 -76.28
CA THR A 304 -37.55 -19.94 -75.91
C THR A 304 -38.63 -18.84 -75.85
N THR A 305 -38.40 -17.82 -75.02
CA THR A 305 -39.37 -16.74 -74.87
C THR A 305 -39.24 -15.65 -75.95
N LYS A 306 -38.20 -15.76 -76.77
CA LYS A 306 -37.89 -14.76 -77.79
C LYS A 306 -37.69 -13.37 -77.19
N ALA A 307 -37.02 -13.33 -76.04
CA ALA A 307 -36.83 -12.10 -75.28
C ALA A 307 -35.38 -11.65 -75.30
N ARG A 308 -35.14 -10.36 -75.52
CA ARG A 308 -33.79 -9.81 -75.49
C ARG A 308 -33.34 -9.55 -74.07
N ALA A 309 -32.04 -9.33 -73.90
CA ALA A 309 -31.48 -9.05 -72.58
C ALA A 309 -31.37 -7.56 -72.36
N THR A 310 -32.07 -7.07 -71.33
CA THR A 310 -32.06 -5.65 -70.97
C THR A 310 -30.68 -5.23 -70.48
N ALA A 311 -29.91 -6.21 -69.98
CA ALA A 311 -28.56 -5.96 -69.49
C ALA A 311 -27.52 -6.21 -70.60
N PRO A 312 -26.53 -5.31 -70.70
CA PRO A 312 -25.42 -5.41 -71.65
C PRO A 312 -24.20 -6.14 -71.07
N THR A 313 -24.03 -7.39 -71.44
CA THR A 313 -22.92 -8.19 -70.91
C THR A 313 -21.79 -8.34 -71.93
N THR A 314 -20.56 -8.43 -71.40
CA THR A 314 -19.42 -8.79 -72.23
C THR A 314 -19.45 -10.33 -72.38
N ARG A 315 -19.23 -10.81 -73.59
CA ARG A 315 -19.45 -12.23 -73.93
C ARG A 315 -18.28 -12.86 -74.69
N ASN A 316 -17.83 -14.02 -74.22
CA ASN A 316 -16.72 -14.73 -74.85
C ASN A 316 -17.16 -15.84 -75.79
N LEU A 317 -16.36 -16.07 -76.83
CA LEU A 317 -16.61 -17.15 -77.78
C LEU A 317 -15.30 -17.84 -78.17
N LEU A 318 -15.11 -19.07 -77.69
CA LEU A 318 -13.99 -19.91 -78.13
C LEU A 318 -14.47 -21.03 -79.05
N THR A 319 -13.83 -21.18 -80.21
CA THR A 319 -14.18 -22.24 -81.15
C THR A 319 -13.19 -23.41 -81.10
N THR A 320 -13.64 -24.53 -80.55
CA THR A 320 -12.84 -25.75 -80.52
C THR A 320 -13.11 -26.60 -81.77
N PRO A 321 -12.21 -27.55 -82.09
CA PRO A 321 -12.38 -28.53 -83.18
C PRO A 321 -13.72 -29.28 -83.20
N LYS A 322 -14.41 -29.33 -82.07
CA LYS A 322 -15.69 -30.04 -81.98
C LYS A 322 -16.87 -29.10 -81.67
N PHE A 323 -16.58 -27.90 -81.14
CA PHE A 323 -17.64 -27.00 -80.69
C PHE A 323 -17.20 -25.55 -80.45
N THR A 324 -18.17 -24.70 -80.13
CA THR A 324 -17.92 -23.31 -79.75
C THR A 324 -18.58 -23.00 -78.40
N VAL A 325 -17.80 -22.50 -77.44
CA VAL A 325 -18.32 -22.20 -76.11
C VAL A 325 -18.41 -20.73 -75.80
N ALA A 326 -19.61 -20.30 -75.42
CA ALA A 326 -19.85 -18.90 -75.11
C ALA A 326 -20.16 -18.73 -73.63
N TRP A 327 -19.58 -17.70 -73.04
CA TRP A 327 -19.83 -17.39 -71.65
C TRP A 327 -19.47 -15.95 -71.34
N ASP A 328 -20.24 -15.32 -70.45
CA ASP A 328 -19.94 -13.96 -70.03
C ASP A 328 -18.63 -13.91 -69.27
N TRP A 329 -17.75 -13.02 -69.69
CA TRP A 329 -16.45 -12.87 -69.06
C TRP A 329 -16.55 -12.05 -67.79
N VAL A 330 -15.80 -12.47 -66.76
CA VAL A 330 -15.68 -11.75 -65.49
C VAL A 330 -14.22 -11.73 -65.00
N PRO A 331 -13.82 -10.68 -64.25
CA PRO A 331 -12.48 -10.60 -63.68
C PRO A 331 -12.15 -11.81 -62.82
N LYS A 332 -10.87 -12.10 -62.64
CA LYS A 332 -10.47 -13.33 -61.94
C LYS A 332 -10.50 -13.22 -60.41
N ARG A 333 -9.71 -12.29 -59.88
CA ARG A 333 -9.53 -12.16 -58.43
C ARG A 333 -10.83 -12.04 -57.62
N PRO A 334 -11.78 -11.19 -58.05
CA PRO A 334 -13.02 -11.08 -57.28
C PRO A 334 -14.02 -12.20 -57.56
N SER A 335 -13.54 -13.36 -58.01
CA SER A 335 -14.41 -14.43 -58.47
C SER A 335 -13.94 -15.80 -57.99
N VAL A 336 -12.64 -15.93 -57.77
CA VAL A 336 -12.06 -17.14 -57.17
C VAL A 336 -11.38 -16.86 -55.84
N CYS A 337 -11.08 -17.94 -55.12
CA CYS A 337 -10.35 -17.86 -53.86
C CYS A 337 -9.84 -19.24 -53.47
N THR A 338 -8.63 -19.29 -52.91
CA THR A 338 -8.08 -20.55 -52.43
C THR A 338 -8.47 -20.79 -50.97
N MET A 339 -9.36 -19.96 -50.46
CA MET A 339 -9.85 -20.11 -49.09
C MET A 339 -11.37 -19.97 -49.02
N THR A 340 -11.99 -20.68 -48.07
CA THR A 340 -13.44 -20.63 -47.87
C THR A 340 -13.78 -20.25 -46.44
N LYS A 341 -14.68 -19.29 -46.27
CA LYS A 341 -15.20 -18.98 -44.93
C LYS A 341 -15.88 -20.22 -44.33
N TRP A 342 -15.51 -20.59 -43.11
CA TRP A 342 -16.03 -21.82 -42.51
C TRP A 342 -16.99 -21.56 -41.35
N GLN A 343 -16.50 -20.87 -40.33
CA GLN A 343 -17.32 -20.59 -39.16
C GLN A 343 -17.16 -19.12 -38.78
N GLU A 344 -18.29 -18.45 -38.58
CA GLU A 344 -18.27 -17.15 -37.93
C GLU A 344 -18.44 -17.43 -36.45
N VAL A 345 -17.62 -16.78 -35.63
CA VAL A 345 -17.68 -17.01 -34.19
C VAL A 345 -17.96 -15.70 -33.47
N ASP A 346 -19.07 -15.65 -32.75
CA ASP A 346 -19.46 -14.42 -32.06
C ASP A 346 -18.44 -14.11 -30.97
N GLU A 347 -18.29 -15.04 -30.04
CA GLU A 347 -17.34 -14.89 -28.95
C GLU A 347 -16.22 -15.88 -29.09
N MET A 348 -15.06 -15.37 -29.50
CA MET A 348 -13.84 -16.15 -29.60
C MET A 348 -12.83 -15.60 -28.62
N LEU A 349 -12.58 -16.31 -27.53
CA LEU A 349 -11.65 -15.85 -26.52
C LEU A 349 -10.22 -16.20 -26.88
N ARG A 350 -9.33 -15.22 -26.86
CA ARG A 350 -7.93 -15.52 -27.10
C ARG A 350 -7.10 -15.39 -25.82
N SER A 351 -6.37 -16.44 -25.46
CA SER A 351 -5.43 -16.34 -24.36
C SER A 351 -4.00 -16.68 -24.79
N GLU A 352 -3.02 -15.93 -24.30
CA GLU A 352 -1.63 -16.28 -24.54
C GLU A 352 -1.22 -17.35 -23.52
N TYR A 353 -0.69 -18.46 -24.00
CA TYR A 353 -0.29 -19.55 -23.11
C TYR A 353 0.81 -20.44 -23.70
N GLY A 354 2.05 -20.14 -23.32
CA GLY A 354 3.19 -20.96 -23.71
C GLY A 354 3.92 -20.45 -24.95
N GLY A 355 3.91 -19.14 -25.15
CA GLY A 355 4.46 -18.57 -26.36
C GLY A 355 3.61 -18.90 -27.58
N SER A 356 2.37 -19.34 -27.32
CA SER A 356 1.40 -19.57 -28.38
C SER A 356 0.08 -18.91 -28.00
N PHE A 357 -0.77 -18.66 -28.99
CA PHE A 357 -2.12 -18.15 -28.73
C PHE A 357 -3.12 -19.31 -28.68
N ARG A 358 -4.16 -19.19 -27.87
CA ARG A 358 -5.25 -20.15 -27.89
C ARG A 358 -6.54 -19.42 -28.21
N PHE A 359 -7.14 -19.75 -29.35
CA PHE A 359 -8.43 -19.22 -29.73
C PHE A 359 -9.48 -20.26 -29.39
N SER A 360 -10.26 -19.98 -28.37
CA SER A 360 -11.25 -20.92 -27.88
C SER A 360 -12.63 -20.40 -28.25
N SER A 361 -13.48 -21.27 -28.76
CA SER A 361 -14.85 -20.90 -29.03
C SER A 361 -15.80 -21.78 -28.27
N ASP A 362 -16.58 -21.18 -27.38
CA ASP A 362 -17.53 -21.92 -26.59
C ASP A 362 -18.64 -22.49 -27.46
N ALA A 363 -18.96 -21.78 -28.54
CA ALA A 363 -20.14 -22.12 -29.36
C ALA A 363 -19.96 -23.35 -30.23
N ILE A 364 -18.74 -23.61 -30.70
CA ILE A 364 -18.49 -24.78 -31.52
C ILE A 364 -17.59 -25.78 -30.80
N SER A 365 -17.22 -25.45 -29.57
CA SER A 365 -16.38 -26.32 -28.75
C SER A 365 -15.09 -26.62 -29.49
N THR A 366 -14.35 -25.57 -29.82
CA THR A 366 -13.14 -25.71 -30.59
C THR A 366 -12.08 -24.80 -30.03
N THR A 367 -10.88 -25.32 -29.83
CA THR A 367 -9.78 -24.46 -29.42
C THR A 367 -8.63 -24.57 -30.40
N PHE A 368 -8.28 -23.44 -31.01
CA PHE A 368 -7.23 -23.41 -32.03
C PHE A 368 -5.91 -22.92 -31.43
N THR A 369 -4.79 -23.35 -32.02
CA THR A 369 -3.47 -22.97 -31.52
C THR A 369 -2.62 -22.29 -32.60
N THR A 370 -2.20 -21.05 -32.36
CA THR A 370 -1.41 -20.33 -33.35
C THR A 370 -0.17 -19.70 -32.75
N ASN A 371 0.72 -19.22 -33.61
CA ASN A 371 1.87 -18.46 -33.13
C ASN A 371 1.43 -17.08 -32.70
N LEU A 372 2.34 -16.33 -32.10
CA LEU A 372 1.99 -15.03 -31.56
C LEU A 372 2.08 -13.96 -32.65
N THR A 373 2.43 -14.37 -33.87
CA THR A 373 2.56 -13.42 -34.95
C THR A 373 1.48 -13.66 -35.99
N GLU A 374 0.93 -12.59 -36.53
CA GLU A 374 -0.08 -12.70 -37.57
C GLU A 374 0.48 -13.40 -38.80
N TYR A 375 -0.42 -13.87 -39.64
CA TYR A 375 -0.08 -14.44 -40.92
C TYR A 375 -0.50 -13.41 -41.95
N PRO A 376 0.44 -12.98 -42.79
CA PRO A 376 0.13 -11.97 -43.81
C PRO A 376 -0.68 -12.57 -44.96
N LEU A 377 -1.74 -11.88 -45.37
CA LEU A 377 -2.59 -12.34 -46.46
C LEU A 377 -1.90 -12.18 -47.82
N SER A 378 -0.77 -11.48 -47.81
CA SER A 378 0.04 -11.27 -49.00
C SER A 378 0.84 -12.52 -49.34
N ARG A 379 0.80 -13.49 -48.44
CA ARG A 379 1.48 -14.76 -48.64
C ARG A 379 0.48 -15.78 -49.21
N VAL A 380 -0.78 -15.36 -49.31
CA VAL A 380 -1.85 -16.22 -49.81
C VAL A 380 -2.12 -15.97 -51.30
N ASP A 381 -2.11 -17.04 -52.09
CA ASP A 381 -2.41 -16.94 -53.51
C ASP A 381 -3.91 -16.87 -53.72
N LEU A 382 -4.36 -15.83 -54.43
CA LEU A 382 -5.79 -15.60 -54.67
C LEU A 382 -6.60 -15.66 -53.39
N GLY A 383 -6.44 -14.66 -52.52
CA GLY A 383 -7.12 -14.65 -51.25
C GLY A 383 -7.93 -13.40 -51.05
N ASP A 384 -8.41 -12.84 -52.16
CA ASP A 384 -9.18 -11.60 -52.15
C ASP A 384 -10.41 -11.72 -51.23
N CYS A 385 -11.11 -12.85 -51.30
CA CYS A 385 -12.33 -13.06 -50.54
C CYS A 385 -12.14 -13.03 -49.03
N ILE A 386 -10.92 -13.30 -48.57
CA ILE A 386 -10.66 -13.43 -47.13
C ILE A 386 -10.92 -12.11 -46.40
N GLY A 387 -10.20 -11.08 -46.79
CA GLY A 387 -10.40 -9.76 -46.20
C GLY A 387 -11.84 -9.30 -46.28
N LYS A 388 -12.39 -9.27 -47.49
CA LYS A 388 -13.77 -8.85 -47.70
C LYS A 388 -14.80 -9.64 -46.86
N ASP A 389 -14.69 -10.97 -46.84
CA ASP A 389 -15.66 -11.79 -46.12
C ASP A 389 -15.53 -11.65 -44.62
N ALA A 390 -14.28 -11.53 -44.17
CA ALA A 390 -14.00 -11.43 -42.75
C ALA A 390 -14.54 -10.13 -42.18
N ARG A 391 -14.42 -9.04 -42.94
CA ARG A 391 -14.93 -7.76 -42.46
C ARG A 391 -16.46 -7.73 -42.48
N ASP A 392 -17.05 -8.20 -43.57
CA ASP A 392 -18.50 -8.10 -43.76
C ASP A 392 -19.26 -8.82 -42.65
N ALA A 393 -18.63 -9.85 -42.09
CA ALA A 393 -19.25 -10.61 -41.03
C ALA A 393 -19.03 -9.95 -39.68
N MET A 394 -17.79 -9.52 -39.43
CA MET A 394 -17.43 -8.90 -38.16
C MET A 394 -18.23 -7.65 -37.89
N ASP A 395 -18.37 -6.82 -38.92
CA ASP A 395 -19.18 -5.62 -38.81
C ASP A 395 -20.63 -5.98 -38.51
N ARG A 396 -21.15 -6.95 -39.25
CA ARG A 396 -22.54 -7.39 -39.06
C ARG A 396 -22.75 -7.88 -37.63
N ILE A 397 -21.83 -8.71 -37.13
CA ILE A 397 -21.88 -9.26 -35.77
C ILE A 397 -21.68 -8.18 -34.70
N PHE A 398 -20.68 -7.32 -34.88
CA PHE A 398 -20.43 -6.26 -33.93
C PHE A 398 -21.69 -5.42 -33.77
N ALA A 399 -22.32 -5.07 -34.88
CA ALA A 399 -23.53 -4.26 -34.85
C ALA A 399 -24.72 -4.98 -34.20
N ARG A 400 -24.77 -6.30 -34.30
CA ARG A 400 -25.81 -7.08 -33.64
C ARG A 400 -25.57 -7.23 -32.12
N ARG A 401 -24.35 -7.59 -31.73
CA ARG A 401 -24.10 -7.97 -30.35
C ARG A 401 -23.37 -6.92 -29.49
N TYR A 402 -22.38 -6.24 -30.07
CA TYR A 402 -21.51 -5.37 -29.28
C TYR A 402 -21.66 -3.87 -29.60
N ASN A 403 -22.72 -3.50 -30.32
CA ASN A 403 -22.90 -2.12 -30.81
C ASN A 403 -23.02 -1.09 -29.70
N ALA A 404 -23.02 -1.55 -28.45
CA ALA A 404 -23.21 -0.68 -27.30
C ALA A 404 -22.47 -1.16 -26.05
N THR A 405 -21.80 -2.31 -26.15
CA THR A 405 -21.17 -2.93 -24.97
C THR A 405 -19.65 -2.93 -25.00
N HIS A 406 -19.05 -3.00 -26.20
CA HIS A 406 -17.60 -3.09 -26.33
C HIS A 406 -17.02 -2.06 -27.30
N ILE A 407 -15.70 -2.11 -27.49
CA ILE A 407 -15.02 -1.23 -28.43
C ILE A 407 -14.06 -2.04 -29.29
N LYS A 408 -14.07 -1.80 -30.60
CA LYS A 408 -13.10 -2.43 -31.50
C LYS A 408 -11.70 -1.91 -31.17
N VAL A 409 -10.76 -2.84 -30.99
CA VAL A 409 -9.37 -2.52 -30.69
C VAL A 409 -8.48 -2.93 -31.86
N GLY A 410 -8.18 -1.96 -32.73
CA GLY A 410 -7.34 -2.22 -33.89
C GLY A 410 -8.08 -2.79 -35.09
N GLN A 411 -7.39 -2.85 -36.22
CA GLN A 411 -7.92 -3.50 -37.40
C GLN A 411 -7.93 -5.01 -37.19
N PRO A 412 -8.75 -5.73 -37.96
CA PRO A 412 -8.80 -7.19 -37.84
C PRO A 412 -7.43 -7.84 -38.06
N GLN A 413 -7.24 -9.01 -37.45
CA GLN A 413 -5.96 -9.71 -37.48
C GLN A 413 -6.15 -11.08 -38.13
N TYR A 414 -5.07 -11.69 -38.60
CA TYR A 414 -5.15 -13.03 -39.17
C TYR A 414 -4.00 -13.90 -38.67
N TYR A 415 -4.36 -15.03 -38.05
CA TYR A 415 -3.36 -15.97 -37.56
C TYR A 415 -3.59 -17.31 -38.24
N LEU A 416 -2.50 -18.03 -38.52
CA LEU A 416 -2.62 -19.38 -39.06
C LEU A 416 -2.57 -20.40 -37.93
N ALA A 417 -3.61 -21.21 -37.81
CA ALA A 417 -3.73 -22.15 -36.71
C ALA A 417 -3.33 -23.56 -37.12
N ASN A 418 -2.92 -24.40 -36.15
CA ASN A 418 -2.56 -25.77 -36.45
C ASN A 418 -3.74 -26.48 -37.07
N GLY A 419 -3.46 -27.25 -38.12
CA GLY A 419 -4.49 -27.96 -38.83
C GLY A 419 -4.73 -27.24 -40.13
N GLY A 420 -4.06 -26.10 -40.27
CA GLY A 420 -4.21 -25.28 -41.46
C GLY A 420 -5.54 -24.54 -41.48
N PHE A 421 -5.85 -23.87 -40.38
CA PHE A 421 -7.03 -23.04 -40.35
C PHE A 421 -6.58 -21.59 -40.28
N LEU A 422 -7.20 -20.73 -41.08
CA LEU A 422 -6.91 -19.31 -41.02
C LEU A 422 -7.97 -18.65 -40.19
N ILE A 423 -7.54 -17.93 -39.16
CA ILE A 423 -8.46 -17.32 -38.21
C ILE A 423 -8.43 -15.80 -38.35
N ALA A 424 -9.55 -15.20 -38.71
CA ALA A 424 -9.64 -13.74 -38.72
C ALA A 424 -10.18 -13.32 -37.38
N TYR A 425 -9.51 -12.35 -36.74
CA TYR A 425 -9.82 -12.02 -35.35
C TYR A 425 -9.92 -10.52 -35.15
N GLN A 426 -10.96 -10.11 -34.44
CA GLN A 426 -11.12 -8.71 -34.08
C GLN A 426 -11.22 -8.59 -32.58
N PRO A 427 -10.15 -8.11 -31.95
CA PRO A 427 -10.10 -7.91 -30.49
C PRO A 427 -11.13 -6.89 -30.06
N LEU A 428 -11.75 -7.13 -28.91
CA LEU A 428 -12.73 -6.21 -28.36
C LEU A 428 -12.30 -5.78 -26.97
N LEU A 429 -12.91 -4.71 -26.48
CA LEU A 429 -12.67 -4.26 -25.11
C LEU A 429 -13.96 -3.72 -24.50
N SER A 430 -14.29 -4.19 -23.30
CA SER A 430 -15.50 -3.79 -22.61
C SER A 430 -15.50 -2.31 -22.28
N ASN A 431 -16.65 -1.65 -22.51
CA ASN A 431 -16.80 -0.23 -22.23
C ASN A 431 -16.38 0.10 -20.81
N THR A 432 -16.75 -0.79 -19.88
CA THR A 432 -16.51 -0.60 -18.46
C THR A 432 -15.01 -0.55 -18.13
N LEU A 433 -14.20 -1.16 -18.98
CA LEU A 433 -12.76 -1.23 -18.76
C LEU A 433 -12.01 -0.49 -19.87
N ALA A 434 -12.59 0.61 -20.34
CA ALA A 434 -12.04 1.36 -21.47
C ALA A 434 -10.69 2.01 -21.19
N GLU A 435 -10.30 2.04 -19.92
CA GLU A 435 -9.05 2.67 -19.51
C GLU A 435 -7.80 1.93 -19.97
N LEU A 436 -7.99 0.81 -20.66
CA LEU A 436 -6.85 -0.01 -21.08
C LEU A 436 -6.63 0.00 -22.59
N TYR A 437 -7.42 0.80 -23.31
CA TYR A 437 -7.39 0.77 -24.77
C TYR A 437 -5.99 0.94 -25.29
N VAL A 438 -5.42 2.11 -25.01
CA VAL A 438 -4.06 2.41 -25.42
C VAL A 438 -3.11 1.30 -24.98
N ARG A 439 -3.16 0.95 -23.71
CA ARG A 439 -2.29 -0.09 -23.17
C ARG A 439 -2.30 -1.36 -24.00
N GLU A 440 -3.45 -1.66 -24.60
CA GLU A 440 -3.66 -2.90 -25.36
C GLU A 440 -3.62 -2.67 -26.87
N HIS A 441 -3.99 -1.47 -27.29
CA HIS A 441 -3.98 -1.09 -28.71
C HIS A 441 -2.58 -1.24 -29.27
N LEU A 442 -1.61 -0.86 -28.43
CA LEU A 442 -0.20 -0.98 -28.76
C LEU A 442 0.18 -2.44 -28.96
N ARG A 443 -0.33 -3.29 -28.07
CA ARG A 443 -0.06 -4.73 -28.10
C ARG A 443 -0.60 -5.41 -29.36
N GLU A 444 -1.84 -5.08 -29.74
CA GLU A 444 -2.46 -5.67 -30.91
C GLU A 444 -1.80 -5.18 -32.21
N GLN A 445 -0.95 -4.16 -32.09
CA GLN A 445 -0.21 -3.66 -33.23
C GLN A 445 1.18 -4.29 -33.32
N SER A 446 1.62 -4.91 -32.23
CA SER A 446 2.89 -5.63 -32.23
C SER A 446 2.82 -6.84 -33.15
N ARG A 447 1.64 -7.45 -33.20
CA ARG A 447 1.46 -8.70 -33.93
C ARG A 447 1.29 -8.49 -35.42
N LYS A 448 1.11 -7.24 -35.84
CA LYS A 448 0.90 -6.91 -37.25
C LYS A 448 2.03 -7.48 -38.14
N PRO A 449 1.66 -7.96 -39.33
CA PRO A 449 2.61 -8.59 -40.26
C PRO A 449 3.63 -7.60 -40.85
N PRO A 450 4.93 -7.82 -40.57
CA PRO A 450 6.01 -6.97 -41.07
C PRO A 450 6.12 -6.97 -42.60
N VAL A 465 3.50 -15.87 -52.52
CA VAL A 465 2.18 -16.48 -52.43
C VAL A 465 2.25 -18.01 -52.37
N GLU A 466 1.33 -18.62 -51.65
CA GLU A 466 1.31 -20.08 -51.48
C GLU A 466 -0.09 -20.59 -51.18
N ARG A 467 -0.20 -21.91 -50.97
CA ARG A 467 -1.47 -22.55 -50.66
C ARG A 467 -1.47 -23.17 -49.27
N ILE A 468 -2.48 -22.82 -48.46
CA ILE A 468 -2.62 -23.36 -47.11
C ILE A 468 -3.35 -24.71 -47.16
N LYS A 469 -2.85 -25.71 -46.44
CA LYS A 469 -3.52 -27.01 -46.45
C LYS A 469 -4.24 -27.30 -45.15
N THR A 470 -5.54 -27.56 -45.27
CA THR A 470 -6.42 -27.78 -44.12
C THR A 470 -6.76 -29.24 -43.97
N THR A 471 -6.58 -29.76 -42.76
CA THR A 471 -6.96 -31.13 -42.47
C THR A 471 -8.46 -31.30 -42.56
N SER A 472 -8.92 -32.54 -42.68
CA SER A 472 -10.34 -32.81 -42.82
C SER A 472 -10.97 -33.00 -41.46
N SER A 473 -10.13 -33.29 -40.46
CA SER A 473 -10.63 -33.62 -39.14
C SER A 473 -10.42 -32.49 -38.13
N ILE A 474 -11.52 -31.95 -37.60
CA ILE A 474 -11.43 -30.90 -36.59
C ILE A 474 -11.36 -31.50 -35.19
N GLU A 475 -11.40 -32.82 -35.08
CA GLU A 475 -11.63 -33.44 -33.79
C GLU A 475 -10.55 -33.11 -32.77
N PHE A 476 -9.33 -32.93 -33.23
CA PHE A 476 -8.21 -32.58 -32.37
C PHE A 476 -8.45 -31.27 -31.63
N ALA A 477 -8.97 -30.27 -32.34
CA ALA A 477 -9.19 -28.97 -31.71
C ALA A 477 -10.37 -29.03 -30.75
N ARG A 478 -11.26 -30.00 -30.93
CA ARG A 478 -12.35 -30.21 -29.99
C ARG A 478 -11.91 -31.08 -28.82
N LEU A 479 -10.99 -32.01 -29.07
CA LEU A 479 -10.36 -32.72 -27.96
C LEU A 479 -9.68 -31.68 -27.10
N GLN A 480 -8.93 -30.80 -27.75
CA GLN A 480 -8.23 -29.75 -27.06
C GLN A 480 -9.17 -28.96 -26.18
N PHE A 481 -10.28 -28.54 -26.75
CA PHE A 481 -11.24 -27.71 -26.04
C PHE A 481 -11.80 -28.45 -24.84
N THR A 482 -12.29 -29.66 -25.05
CA THR A 482 -12.88 -30.44 -23.97
C THR A 482 -11.89 -30.64 -22.85
N TYR A 483 -10.69 -31.14 -23.21
CA TYR A 483 -9.65 -31.41 -22.22
C TYR A 483 -9.26 -30.16 -21.43
N ASN A 484 -8.94 -29.08 -22.12
CA ASN A 484 -8.55 -27.86 -21.43
C ASN A 484 -9.60 -27.46 -20.43
N HIS A 485 -10.87 -27.57 -20.81
CA HIS A 485 -11.92 -27.07 -19.92
C HIS A 485 -12.07 -27.89 -18.64
N ILE A 486 -12.14 -29.20 -18.77
CA ILE A 486 -12.11 -30.06 -17.61
C ILE A 486 -10.83 -29.85 -16.83
N GLN A 487 -9.68 -29.89 -17.50
CA GLN A 487 -8.41 -29.63 -16.83
C GLN A 487 -8.46 -28.35 -15.98
N ARG A 488 -8.83 -27.23 -16.59
CA ARG A 488 -8.91 -25.97 -15.86
C ARG A 488 -9.81 -26.05 -14.62
N HIS A 489 -10.92 -26.77 -14.73
CA HIS A 489 -11.89 -26.84 -13.62
C HIS A 489 -11.40 -27.69 -12.47
N VAL A 490 -10.95 -28.90 -12.80
CA VAL A 490 -10.38 -29.81 -11.82
C VAL A 490 -9.19 -29.19 -11.11
N ASN A 491 -8.28 -28.57 -11.83
CA ASN A 491 -7.15 -27.98 -11.15
C ASN A 491 -7.56 -26.84 -10.26
N ASP A 492 -8.55 -26.08 -10.70
CA ASP A 492 -9.00 -24.96 -9.91
C ASP A 492 -9.53 -25.48 -8.58
N MET A 493 -10.45 -26.41 -8.65
CA MET A 493 -11.14 -26.90 -7.47
C MET A 493 -10.23 -27.63 -6.49
N LEU A 494 -9.48 -28.65 -6.94
CA LEU A 494 -8.55 -29.33 -6.03
C LEU A 494 -7.48 -28.38 -5.49
N GLY A 495 -7.17 -27.35 -6.27
CA GLY A 495 -6.25 -26.36 -5.80
C GLY A 495 -6.85 -25.71 -4.58
N ARG A 496 -8.14 -25.40 -4.65
CA ARG A 496 -8.81 -24.71 -3.57
C ARG A 496 -8.87 -25.62 -2.34
N VAL A 497 -9.25 -26.87 -2.56
CA VAL A 497 -9.21 -27.86 -1.49
C VAL A 497 -7.83 -27.97 -0.83
N ALA A 498 -6.77 -28.02 -1.63
CA ALA A 498 -5.41 -28.11 -1.10
C ALA A 498 -5.10 -26.94 -0.16
N ILE A 499 -5.58 -25.75 -0.52
CA ILE A 499 -5.37 -24.59 0.33
C ILE A 499 -6.23 -24.66 1.59
N ALA A 500 -7.50 -25.02 1.41
CA ALA A 500 -8.42 -25.05 2.53
C ALA A 500 -7.98 -26.14 3.50
N TRP A 501 -7.37 -27.19 2.96
CA TRP A 501 -6.92 -28.29 3.77
C TRP A 501 -5.79 -27.81 4.63
N CYS A 502 -4.88 -27.06 4.01
CA CYS A 502 -3.73 -26.56 4.71
C CYS A 502 -4.10 -25.56 5.80
N GLU A 503 -5.06 -24.69 5.51
CA GLU A 503 -5.47 -23.69 6.49
C GLU A 503 -6.07 -24.33 7.72
N LEU A 504 -6.89 -25.34 7.50
CA LEU A 504 -7.50 -26.11 8.58
C LEU A 504 -6.46 -26.84 9.45
N GLN A 505 -5.39 -27.32 8.84
CA GLN A 505 -4.34 -27.98 9.60
C GLN A 505 -3.66 -26.94 10.48
N ASN A 506 -3.39 -25.78 9.91
CA ASN A 506 -2.75 -24.72 10.67
C ASN A 506 -3.66 -24.26 11.81
N HIS A 507 -4.95 -24.13 11.55
CA HIS A 507 -5.87 -23.65 12.57
C HIS A 507 -6.02 -24.62 13.71
N GLU A 508 -6.09 -25.91 13.40
CA GLU A 508 -6.36 -26.87 14.45
C GLU A 508 -5.17 -27.10 15.37
N LEU A 509 -3.99 -26.69 14.93
CA LEU A 509 -2.82 -26.79 15.79
C LEU A 509 -3.11 -26.11 17.12
N THR A 510 -3.85 -25.01 17.06
CA THR A 510 -4.18 -24.22 18.23
C THR A 510 -5.04 -25.00 19.21
N LEU A 511 -5.84 -25.92 18.70
CA LEU A 511 -6.58 -26.87 19.53
C LEU A 511 -5.65 -27.94 20.07
N TRP A 512 -4.75 -28.44 19.24
CA TRP A 512 -3.83 -29.47 19.68
C TRP A 512 -2.94 -28.93 20.78
N ASN A 513 -2.60 -27.65 20.68
CA ASN A 513 -1.75 -27.04 21.68
C ASN A 513 -2.41 -27.00 23.04
N GLU A 514 -3.73 -26.81 23.09
CA GLU A 514 -4.41 -26.72 24.36
C GLU A 514 -4.76 -28.10 24.87
N ALA A 515 -5.00 -29.00 23.94
CA ALA A 515 -5.32 -30.38 24.28
C ALA A 515 -4.15 -31.08 24.97
N ARG A 516 -2.93 -30.76 24.56
CA ARG A 516 -1.79 -31.49 25.04
C ARG A 516 -1.54 -31.26 26.52
N LYS A 517 -1.97 -30.10 27.02
CA LYS A 517 -1.88 -29.82 28.45
C LYS A 517 -2.86 -30.68 29.21
N LEU A 518 -4.02 -30.92 28.61
CA LEU A 518 -5.08 -31.67 29.26
C LEU A 518 -4.76 -33.15 29.36
N ASN A 519 -4.17 -33.69 28.30
CA ASN A 519 -3.90 -35.13 28.27
C ASN A 519 -2.67 -35.44 27.47
N PRO A 520 -1.50 -35.12 28.01
CA PRO A 520 -0.23 -35.27 27.29
C PRO A 520 -0.03 -36.68 26.76
N ASN A 521 -0.53 -37.69 27.46
CA ASN A 521 -0.31 -39.06 27.03
C ASN A 521 -1.00 -39.39 25.72
N THR A 522 -2.30 -39.16 25.63
CA THR A 522 -3.04 -39.49 24.42
C THR A 522 -2.67 -38.60 23.26
N ILE A 523 -2.42 -37.32 23.52
CA ILE A 523 -2.05 -36.41 22.44
C ILE A 523 -0.69 -36.79 21.90
N ALA A 524 0.30 -36.97 22.77
CA ALA A 524 1.64 -37.33 22.30
C ALA A 524 1.59 -38.63 21.52
N SER A 525 0.79 -39.59 21.99
CA SER A 525 0.69 -40.87 21.31
C SER A 525 0.13 -40.73 19.90
N VAL A 526 -0.96 -39.99 19.76
CA VAL A 526 -1.54 -39.81 18.43
C VAL A 526 -0.59 -39.05 17.53
N THR A 527 0.13 -38.10 18.10
CA THR A 527 1.00 -37.26 17.30
C THR A 527 2.20 -38.04 16.75
N VAL A 528 2.89 -38.74 17.62
CA VAL A 528 4.03 -39.57 17.25
C VAL A 528 3.60 -40.79 16.41
N GLY A 529 2.70 -41.61 16.94
CA GLY A 529 2.21 -42.77 16.21
C GLY A 529 2.32 -44.05 17.02
N ARG A 530 2.79 -43.90 18.26
CA ARG A 530 3.00 -45.03 19.15
C ARG A 530 2.62 -44.65 20.56
N ARG A 531 2.09 -45.60 21.31
CA ARG A 531 1.72 -45.38 22.71
C ARG A 531 2.96 -44.99 23.51
N VAL A 532 3.03 -43.72 23.85
CA VAL A 532 4.14 -43.21 24.64
C VAL A 532 3.63 -42.58 25.92
N SER A 533 4.57 -42.18 26.77
CA SER A 533 4.22 -41.43 27.96
C SER A 533 4.81 -40.03 27.82
N ALA A 534 4.00 -39.04 28.16
CA ALA A 534 4.38 -37.66 27.94
C ALA A 534 4.15 -36.77 29.15
N ARG A 535 4.85 -35.64 29.14
CA ARG A 535 4.79 -34.69 30.22
C ARG A 535 5.32 -33.38 29.64
N MET A 536 4.62 -32.29 29.91
CA MET A 536 5.05 -30.98 29.45
C MET A 536 6.27 -30.52 30.22
N LEU A 537 7.30 -30.05 29.50
CA LEU A 537 8.42 -29.38 30.14
C LEU A 537 8.39 -27.89 29.84
N GLY A 538 7.29 -27.26 30.23
CA GLY A 538 7.09 -25.86 29.89
C GLY A 538 6.43 -25.71 28.52
N ASP A 539 7.24 -25.61 27.47
CA ASP A 539 6.73 -25.30 26.14
C ASP A 539 7.02 -26.42 25.15
N VAL A 540 7.96 -27.28 25.50
CA VAL A 540 8.19 -28.49 24.72
C VAL A 540 7.56 -29.63 25.46
N MET A 541 7.64 -30.83 24.88
CA MET A 541 6.97 -31.97 25.46
C MET A 541 7.94 -33.14 25.57
N ALA A 542 8.09 -33.66 26.79
CA ALA A 542 8.99 -34.76 27.07
C ALA A 542 8.27 -36.08 26.79
N VAL A 543 8.99 -37.03 26.22
CA VAL A 543 8.36 -38.26 25.79
C VAL A 543 9.18 -39.49 26.16
N SER A 544 8.55 -40.44 26.83
CA SER A 544 9.17 -41.72 27.09
C SER A 544 8.31 -42.81 26.47
N THR A 545 8.92 -43.96 26.19
CA THR A 545 8.20 -45.07 25.61
C THR A 545 7.35 -45.76 26.66
N CYS A 546 6.37 -46.53 26.18
CA CYS A 546 5.56 -47.33 27.08
C CYS A 546 6.02 -48.78 27.07
N VAL A 547 5.53 -49.55 28.02
CA VAL A 547 5.82 -50.98 28.07
C VAL A 547 4.53 -51.78 27.96
N PRO A 548 4.49 -52.73 27.02
CA PRO A 548 3.33 -53.60 26.85
C PRO A 548 3.24 -54.63 27.97
N VAL A 549 2.02 -54.95 28.37
CA VAL A 549 1.77 -56.05 29.30
C VAL A 549 0.69 -56.92 28.69
N ALA A 550 0.90 -58.23 28.71
CA ALA A 550 -0.06 -59.18 28.19
C ALA A 550 -1.42 -59.02 28.88
N ALA A 551 -2.51 -59.33 28.17
CA ALA A 551 -3.85 -59.21 28.75
C ALA A 551 -4.13 -60.24 29.86
N ASP A 552 -3.63 -61.45 29.68
CA ASP A 552 -3.85 -62.52 30.64
C ASP A 552 -3.05 -62.31 31.92
N ASN A 553 -2.17 -61.32 31.90
CA ASN A 553 -1.32 -60.98 33.05
C ASN A 553 -1.88 -59.88 33.93
N VAL A 554 -3.11 -59.47 33.67
CA VAL A 554 -3.73 -58.37 34.42
C VAL A 554 -4.96 -58.81 35.18
N ILE A 555 -4.95 -58.58 36.48
CA ILE A 555 -6.08 -58.90 37.35
C ILE A 555 -6.63 -57.63 38.01
N VAL A 556 -7.94 -57.42 37.92
CA VAL A 556 -8.59 -56.26 38.53
C VAL A 556 -9.24 -56.63 39.88
N GLN A 557 -8.90 -55.87 40.91
CA GLN A 557 -9.39 -56.16 42.26
C GLN A 557 -10.88 -55.88 42.40
N ASN A 558 -11.52 -56.64 43.29
CA ASN A 558 -12.98 -56.63 43.41
C ASN A 558 -13.56 -55.33 43.95
N SER A 559 -12.82 -54.66 44.83
CA SER A 559 -13.31 -53.46 45.48
C SER A 559 -12.66 -52.17 45.00
N MET A 560 -13.21 -51.03 45.43
CA MET A 560 -12.67 -49.71 45.12
C MET A 560 -12.69 -48.82 46.36
N ARG A 561 -13.09 -49.39 47.49
CA ARG A 561 -13.20 -48.66 48.75
C ARG A 561 -11.93 -48.79 49.59
N ILE A 562 -11.45 -47.67 50.12
CA ILE A 562 -10.28 -47.67 50.99
C ILE A 562 -10.64 -48.01 52.43
N SER A 563 -10.25 -49.22 52.86
CA SER A 563 -10.61 -49.73 54.19
C SER A 563 -9.97 -48.92 55.32
N SER A 564 -8.72 -48.52 55.12
CA SER A 564 -7.97 -47.77 56.13
C SER A 564 -8.60 -46.42 56.48
N ARG A 565 -9.03 -45.67 55.47
CA ARG A 565 -9.71 -44.41 55.71
C ARG A 565 -11.07 -44.31 55.03
N PRO A 566 -12.11 -44.83 55.70
CA PRO A 566 -13.49 -44.71 55.22
C PRO A 566 -13.90 -43.25 55.02
N GLY A 567 -14.78 -43.01 54.06
CA GLY A 567 -15.12 -41.65 53.67
C GLY A 567 -14.31 -41.24 52.47
N ALA A 568 -13.53 -42.19 51.94
CA ALA A 568 -12.72 -41.97 50.74
C ALA A 568 -12.53 -43.27 49.95
N CYS A 569 -12.61 -43.18 48.62
CA CYS A 569 -12.48 -44.35 47.75
C CYS A 569 -11.53 -44.08 46.59
N TYR A 570 -11.29 -45.10 45.76
CA TYR A 570 -10.49 -44.92 44.54
C TYR A 570 -11.37 -44.47 43.39
N SER A 571 -10.84 -43.63 42.51
CA SER A 571 -11.62 -43.18 41.37
C SER A 571 -11.73 -44.30 40.34
N ARG A 572 -10.61 -44.95 40.07
CA ARG A 572 -10.54 -46.04 39.11
C ARG A 572 -10.06 -47.31 39.80
N PRO A 573 -10.50 -48.48 39.30
CA PRO A 573 -10.27 -49.77 39.95
C PRO A 573 -8.81 -50.06 40.26
N LEU A 574 -8.56 -50.94 41.23
CA LEU A 574 -7.21 -51.42 41.49
C LEU A 574 -6.90 -52.59 40.58
N VAL A 575 -5.63 -52.74 40.24
CA VAL A 575 -5.20 -53.86 39.42
C VAL A 575 -3.91 -54.47 39.93
N SER A 576 -3.63 -55.68 39.49
CA SER A 576 -2.35 -56.31 39.73
C SER A 576 -1.91 -56.96 38.44
N PHE A 577 -0.60 -57.01 38.22
CA PHE A 577 -0.11 -57.53 36.96
C PHE A 577 1.34 -57.98 37.05
N ARG A 578 1.81 -58.62 35.98
CA ARG A 578 3.21 -58.97 35.82
C ARG A 578 3.62 -58.76 34.37
N TYR A 579 4.84 -58.28 34.17
CA TYR A 579 5.35 -58.00 32.83
C TYR A 579 5.57 -59.29 32.06
N GLU A 580 6.38 -60.17 32.65
CA GLU A 580 6.63 -61.51 32.13
C GLU A 580 5.65 -62.51 32.75
N ASP A 581 5.40 -63.62 32.06
CA ASP A 581 4.45 -64.64 32.52
C ASP A 581 4.83 -65.31 33.84
N GLN A 582 6.12 -65.45 34.11
CA GLN A 582 6.57 -66.12 35.32
C GLN A 582 7.00 -65.13 36.41
N GLY A 583 6.93 -63.84 36.10
CA GLY A 583 7.37 -62.80 37.01
C GLY A 583 6.46 -62.61 38.20
N PRO A 584 6.80 -61.65 39.10
CA PRO A 584 6.03 -61.34 40.30
C PRO A 584 4.94 -60.29 40.05
N LEU A 585 4.00 -60.18 40.99
CA LEU A 585 2.86 -59.26 40.88
C LEU A 585 3.21 -57.82 41.23
N VAL A 586 2.58 -56.88 40.53
CA VAL A 586 2.76 -55.46 40.82
C VAL A 586 1.46 -54.79 41.27
N GLU A 587 1.50 -54.11 42.42
CA GLU A 587 0.35 -53.36 42.88
C GLU A 587 0.20 -52.13 42.01
N GLY A 588 -0.95 -52.00 41.35
CA GLY A 588 -1.18 -50.89 40.44
C GLY A 588 -2.63 -50.45 40.30
N GLN A 589 -2.83 -49.31 39.63
CA GLN A 589 -4.17 -48.80 39.40
C GLN A 589 -4.46 -48.64 37.91
N LEU A 590 -5.70 -48.92 37.51
CA LEU A 590 -6.11 -48.84 36.12
C LEU A 590 -6.37 -47.40 35.70
N GLY A 591 -5.70 -46.96 34.65
CA GLY A 591 -5.91 -45.62 34.13
C GLY A 591 -6.70 -45.65 32.84
N GLU A 592 -6.73 -44.55 32.12
CA GLU A 592 -7.47 -44.54 30.87
C GLU A 592 -6.70 -45.35 29.83
N ASN A 593 -7.41 -45.76 28.78
CA ASN A 593 -6.80 -46.44 27.65
C ASN A 593 -5.96 -47.65 28.02
N ASN A 594 -6.40 -48.39 29.04
CA ASN A 594 -5.70 -49.59 29.52
C ASN A 594 -4.27 -49.38 30.01
N GLU A 595 -3.97 -48.17 30.46
CA GLU A 595 -2.69 -47.90 31.08
C GLU A 595 -2.70 -48.46 32.49
N LEU A 596 -1.62 -49.12 32.88
CA LEU A 596 -1.48 -49.61 34.24
C LEU A 596 -0.62 -48.65 35.04
N ARG A 597 -1.24 -47.93 35.97
CA ARG A 597 -0.50 -46.95 36.77
C ARG A 597 0.13 -47.66 37.97
N LEU A 598 1.34 -47.25 38.32
CA LEU A 598 2.05 -47.92 39.41
C LEU A 598 1.74 -47.29 40.78
N THR A 599 1.31 -46.04 40.77
CA THR A 599 0.93 -45.40 42.02
C THR A 599 -0.57 -45.49 42.21
N ARG A 600 -0.99 -45.98 43.36
CA ARG A 600 -2.42 -46.03 43.67
C ARG A 600 -2.86 -44.76 44.38
N ASP A 601 -2.70 -43.62 43.71
CA ASP A 601 -3.01 -42.33 44.31
C ASP A 601 -4.38 -41.80 43.90
N ALA A 602 -4.91 -42.30 42.79
CA ALA A 602 -6.17 -41.80 42.23
C ALA A 602 -7.37 -42.03 43.16
N ILE A 603 -7.61 -41.05 44.04
CA ILE A 603 -8.54 -41.20 45.15
C ILE A 603 -9.63 -40.12 45.13
N GLU A 604 -10.87 -40.54 45.35
CA GLU A 604 -12.00 -39.61 45.43
C GLU A 604 -12.84 -39.91 46.68
N PRO A 605 -13.54 -38.90 47.21
CA PRO A 605 -14.44 -39.12 48.35
C PRO A 605 -15.63 -39.96 47.91
N CYS A 606 -16.03 -40.92 48.75
CA CYS A 606 -17.13 -41.83 48.39
C CYS A 606 -18.42 -41.11 48.05
N THR A 607 -19.25 -41.72 47.23
CA THR A 607 -20.55 -41.16 46.85
C THR A 607 -21.59 -42.27 46.77
N VAL A 608 -22.86 -41.88 46.69
CA VAL A 608 -23.94 -42.83 46.55
C VAL A 608 -24.31 -43.06 45.08
N GLY A 609 -24.63 -44.30 44.74
CA GLY A 609 -25.02 -44.63 43.38
C GLY A 609 -23.87 -44.55 42.39
N HIS A 610 -22.64 -44.61 42.91
CA HIS A 610 -21.45 -44.59 42.08
C HIS A 610 -21.45 -45.77 41.13
N ARG A 611 -21.87 -45.53 39.90
CA ARG A 611 -21.76 -46.54 38.86
C ARG A 611 -20.91 -46.02 37.71
N ARG A 612 -19.86 -46.77 37.40
CA ARG A 612 -18.88 -46.39 36.40
C ARG A 612 -18.59 -47.54 35.45
N TYR A 613 -18.37 -47.22 34.17
CA TYR A 613 -17.83 -48.17 33.21
C TYR A 613 -16.37 -47.80 32.99
N PHE A 614 -15.47 -48.76 33.14
CA PHE A 614 -14.05 -48.50 32.89
C PHE A 614 -13.49 -49.35 31.76
N THR A 615 -12.82 -48.72 30.79
CA THR A 615 -12.12 -49.44 29.72
C THR A 615 -11.22 -50.52 30.30
N PHE A 616 -11.36 -51.75 29.84
CA PHE A 616 -10.55 -52.86 30.36
C PHE A 616 -10.41 -53.94 29.30
N GLY A 617 -9.24 -54.01 28.69
CA GLY A 617 -9.04 -54.93 27.58
C GLY A 617 -9.81 -54.51 26.35
N GLY A 618 -10.47 -55.47 25.72
CA GLY A 618 -11.25 -55.20 24.51
C GLY A 618 -12.68 -54.82 24.84
N GLY A 619 -12.87 -54.39 26.08
CA GLY A 619 -14.19 -53.97 26.54
C GLY A 619 -14.13 -53.17 27.82
N TYR A 620 -15.29 -53.04 28.47
CA TYR A 620 -15.35 -52.28 29.70
C TYR A 620 -15.53 -53.21 30.89
N VAL A 621 -15.12 -52.73 32.06
CA VAL A 621 -15.46 -53.37 33.32
C VAL A 621 -16.41 -52.44 34.07
N TYR A 622 -17.54 -52.98 34.54
CA TYR A 622 -18.55 -52.16 35.16
C TYR A 622 -18.55 -52.27 36.69
N PHE A 623 -18.40 -51.14 37.38
CA PHE A 623 -18.48 -51.14 38.83
C PHE A 623 -19.76 -50.48 39.31
N GLU A 624 -20.28 -50.94 40.44
CA GLU A 624 -21.47 -50.34 41.02
C GLU A 624 -21.27 -50.13 42.52
N GLU A 625 -21.24 -48.87 42.93
CA GLU A 625 -20.93 -48.48 44.30
C GLU A 625 -19.63 -49.08 44.79
N TYR A 626 -18.58 -48.84 44.01
CA TYR A 626 -17.21 -49.20 44.36
C TYR A 626 -16.98 -50.70 44.50
N ALA A 627 -17.93 -51.49 44.01
CA ALA A 627 -17.79 -52.94 44.00
C ALA A 627 -17.90 -53.48 42.57
N TYR A 628 -17.03 -54.43 42.23
CA TYR A 628 -17.04 -55.07 40.91
C TYR A 628 -18.38 -55.73 40.61
N SER A 629 -18.93 -55.43 39.44
CA SER A 629 -20.18 -56.04 38.99
C SER A 629 -19.91 -57.14 37.96
N HIS A 630 -19.41 -56.75 36.79
CA HIS A 630 -19.10 -57.68 35.71
C HIS A 630 -18.37 -56.94 34.61
N GLN A 631 -17.85 -57.69 33.63
CA GLN A 631 -17.25 -57.06 32.46
C GLN A 631 -18.22 -57.13 31.30
N LEU A 632 -17.86 -56.50 30.19
CA LEU A 632 -18.71 -56.47 29.02
C LEU A 632 -17.96 -56.04 27.77
N SER A 633 -18.59 -56.18 26.62
CA SER A 633 -17.95 -55.91 25.34
C SER A 633 -18.40 -54.60 24.74
N ARG A 634 -17.58 -54.05 23.83
CA ARG A 634 -17.88 -52.79 23.18
C ARG A 634 -19.26 -52.82 22.54
N ALA A 635 -19.64 -53.99 22.03
CA ALA A 635 -20.90 -54.12 21.30
C ALA A 635 -22.10 -53.94 22.23
N ASP A 636 -21.88 -54.07 23.53
CA ASP A 636 -22.97 -53.98 24.49
C ASP A 636 -23.39 -52.53 24.76
N ILE A 637 -22.57 -51.59 24.33
CA ILE A 637 -22.84 -50.17 24.52
C ILE A 637 -23.09 -49.45 23.20
N THR A 638 -24.15 -48.64 23.16
CA THR A 638 -24.53 -47.87 21.99
C THR A 638 -23.37 -47.03 21.51
N THR A 639 -23.15 -47.02 20.20
CA THR A 639 -22.03 -46.27 19.63
C THR A 639 -22.53 -45.04 18.89
N VAL A 640 -21.86 -43.91 19.11
CA VAL A 640 -22.18 -42.68 18.39
C VAL A 640 -20.86 -42.19 17.81
N SER A 641 -20.89 -41.51 16.67
CA SER A 641 -19.62 -41.18 16.01
C SER A 641 -19.28 -39.70 16.02
N THR A 642 -17.99 -39.36 16.12
CA THR A 642 -17.55 -37.97 16.04
C THR A 642 -17.18 -37.66 14.60
N PHE A 643 -17.12 -38.71 13.79
CA PHE A 643 -16.64 -38.66 12.40
C PHE A 643 -17.66 -38.08 11.44
N ILE A 644 -17.17 -37.27 10.50
CA ILE A 644 -18.00 -36.74 9.43
C ILE A 644 -17.78 -37.61 8.19
N ASP A 645 -18.85 -38.18 7.65
CA ASP A 645 -18.68 -39.09 6.52
C ASP A 645 -18.33 -38.32 5.25
N LEU A 646 -17.48 -38.93 4.44
CA LEU A 646 -17.24 -38.43 3.08
C LEU A 646 -17.22 -39.61 2.12
N ASN A 647 -18.13 -39.59 1.16
CA ASN A 647 -18.38 -40.75 0.32
C ASN A 647 -17.84 -40.60 -1.10
N ILE A 648 -16.55 -40.86 -1.26
CA ILE A 648 -15.88 -40.75 -2.55
C ILE A 648 -15.85 -42.10 -3.25
N THR A 649 -16.40 -42.17 -4.46
CA THR A 649 -16.31 -43.39 -5.26
C THR A 649 -15.49 -43.09 -6.51
N MET A 650 -14.91 -44.13 -7.11
CA MET A 650 -14.08 -43.94 -8.27
C MET A 650 -14.93 -43.81 -9.52
N LEU A 651 -14.36 -43.13 -10.52
CA LEU A 651 -14.93 -43.02 -11.85
C LEU A 651 -14.47 -44.22 -12.65
N GLU A 652 -15.40 -45.08 -13.07
CA GLU A 652 -14.96 -46.36 -13.61
C GLU A 652 -14.28 -46.33 -14.97
N ASP A 653 -13.56 -47.41 -15.26
CA ASP A 653 -12.95 -47.60 -16.56
C ASP A 653 -14.06 -47.63 -17.59
N HIS A 654 -13.77 -47.16 -18.79
CA HIS A 654 -14.75 -47.19 -19.85
C HIS A 654 -14.10 -47.42 -21.20
N GLU A 655 -14.70 -48.26 -22.03
CA GLU A 655 -14.08 -48.56 -23.30
C GLU A 655 -14.81 -47.88 -24.46
N PHE A 656 -14.06 -47.13 -25.26
CA PHE A 656 -14.59 -46.47 -26.44
C PHE A 656 -14.36 -47.33 -27.65
N VAL A 657 -15.43 -47.81 -28.26
CA VAL A 657 -15.23 -48.68 -29.40
C VAL A 657 -15.14 -47.86 -30.66
N PRO A 658 -14.49 -48.42 -31.69
CA PRO A 658 -14.57 -47.72 -32.98
C PRO A 658 -16.02 -47.59 -33.40
N LEU A 659 -16.42 -46.43 -33.89
CA LEU A 659 -17.79 -46.23 -34.35
C LEU A 659 -17.77 -45.26 -35.52
N GLU A 660 -18.24 -45.71 -36.69
CA GLU A 660 -18.33 -44.84 -37.86
C GLU A 660 -19.76 -44.69 -38.33
N VAL A 661 -20.12 -43.52 -38.82
CA VAL A 661 -21.45 -43.34 -39.40
C VAL A 661 -21.56 -44.01 -40.76
N TYR A 662 -20.68 -43.62 -41.70
CA TYR A 662 -20.53 -44.35 -42.96
C TYR A 662 -19.09 -44.76 -43.10
N THR A 663 -18.86 -46.06 -43.30
CA THR A 663 -17.50 -46.54 -43.44
C THR A 663 -16.95 -46.11 -44.79
N ARG A 664 -15.64 -46.13 -44.93
CA ARG A 664 -14.98 -45.72 -46.18
C ARG A 664 -15.59 -46.40 -47.43
N HIS A 665 -15.98 -47.67 -47.31
CA HIS A 665 -16.60 -48.39 -48.41
C HIS A 665 -18.03 -47.95 -48.69
N GLU A 666 -18.76 -47.53 -47.68
CA GLU A 666 -20.13 -47.06 -47.90
C GLU A 666 -20.10 -45.78 -48.70
N ILE A 667 -19.05 -45.00 -48.52
CA ILE A 667 -18.91 -43.73 -49.21
C ILE A 667 -18.55 -43.98 -50.66
N LYS A 668 -17.76 -45.02 -50.93
CA LYS A 668 -17.36 -45.33 -52.30
C LYS A 668 -18.58 -45.77 -53.10
N ASP A 669 -19.41 -46.58 -52.45
CA ASP A 669 -20.51 -47.24 -53.12
C ASP A 669 -21.74 -46.34 -53.33
N SER A 670 -21.71 -45.15 -52.75
CA SER A 670 -22.83 -44.22 -52.88
C SER A 670 -22.87 -43.62 -54.28
N GLY A 671 -21.73 -43.66 -54.98
CA GLY A 671 -21.66 -43.23 -56.37
C GLY A 671 -22.46 -44.15 -57.27
N LEU A 672 -23.27 -43.56 -58.15
CA LEU A 672 -24.19 -44.34 -58.97
C LEU A 672 -23.48 -45.24 -59.97
N LEU A 673 -22.53 -44.66 -60.70
CA LEU A 673 -21.70 -45.39 -61.62
C LEU A 673 -20.27 -45.36 -61.08
N ASP A 674 -19.55 -46.46 -61.21
CA ASP A 674 -18.12 -46.43 -60.89
C ASP A 674 -17.31 -46.55 -62.17
N TYR A 675 -16.64 -45.45 -62.54
CA TYR A 675 -15.83 -45.38 -63.76
C TYR A 675 -14.96 -46.61 -63.91
N THR A 676 -14.18 -46.91 -62.88
CA THR A 676 -13.31 -48.08 -62.89
C THR A 676 -14.06 -49.38 -63.15
N GLU A 677 -15.15 -49.61 -62.43
CA GLU A 677 -15.91 -50.84 -62.63
C GLU A 677 -16.38 -50.97 -64.08
N VAL A 678 -16.90 -49.87 -64.62
CA VAL A 678 -17.42 -49.85 -65.97
C VAL A 678 -16.36 -50.12 -67.02
N GLN A 679 -15.27 -49.36 -66.96
CA GLN A 679 -14.16 -49.53 -67.89
C GLN A 679 -13.61 -50.95 -67.85
N ARG A 680 -13.56 -51.54 -66.67
CA ARG A 680 -13.06 -52.91 -66.55
C ARG A 680 -13.93 -53.91 -67.30
N ARG A 681 -15.25 -53.74 -67.23
CA ARG A 681 -16.17 -54.61 -67.95
C ARG A 681 -16.10 -54.30 -69.42
N ASN A 682 -16.31 -53.02 -69.73
CA ASN A 682 -16.33 -52.53 -71.08
C ASN A 682 -15.16 -53.03 -71.90
N GLN A 683 -13.98 -53.03 -71.28
CA GLN A 683 -12.77 -53.43 -71.97
C GLN A 683 -12.51 -54.93 -71.92
N LEU A 684 -13.36 -55.68 -71.22
CA LEU A 684 -13.26 -57.13 -71.25
C LEU A 684 -14.04 -57.72 -72.42
N HIS A 685 -14.94 -56.91 -72.98
CA HIS A 685 -15.96 -57.37 -73.92
C HIS A 685 -15.42 -58.20 -75.09
N ASP A 686 -14.30 -57.79 -75.68
CA ASP A 686 -13.70 -58.58 -76.74
C ASP A 686 -13.30 -59.96 -76.23
N LEU A 687 -12.56 -59.97 -75.12
CA LEU A 687 -12.09 -61.23 -74.53
C LEU A 687 -13.25 -62.17 -74.18
N ARG A 688 -14.30 -61.64 -73.56
CA ARG A 688 -15.45 -62.45 -73.19
C ARG A 688 -16.28 -62.99 -74.38
N PHE A 689 -16.43 -62.18 -75.43
CA PHE A 689 -17.41 -62.51 -76.48
C PHE A 689 -16.85 -62.65 -77.91
N ALA A 690 -15.53 -62.61 -78.06
CA ALA A 690 -14.95 -62.72 -79.40
C ALA A 690 -13.63 -63.47 -79.41
N ASP A 691 -12.84 -63.19 -80.45
CA ASP A 691 -11.55 -63.86 -80.64
C ASP A 691 -10.55 -62.87 -81.24
N ILE A 692 -9.58 -62.47 -80.43
CA ILE A 692 -8.57 -61.51 -80.83
C ILE A 692 -7.29 -62.22 -81.26
N ASP A 693 -7.37 -63.55 -81.32
CA ASP A 693 -6.20 -64.38 -81.62
C ASP A 693 -6.52 -65.40 -82.71
N THR A 694 -7.09 -64.93 -83.82
CA THR A 694 -7.35 -65.78 -84.97
C THR A 694 -7.34 -64.99 -86.26
N VAL A 695 -6.44 -65.33 -87.17
CA VAL A 695 -6.40 -64.67 -88.46
C VAL A 695 -7.05 -65.55 -89.54
N ILE A 696 -7.94 -64.96 -90.34
CA ILE A 696 -8.58 -65.66 -91.45
C ILE A 696 -7.97 -65.18 -92.76
N HIS A 697 -7.90 -66.07 -93.74
CA HIS A 697 -7.24 -65.78 -95.01
C HIS A 697 -8.02 -66.34 -96.21
N ASP B 76 39.30 50.96 -40.90
CA ASP B 76 37.97 51.48 -41.18
C ASP B 76 37.23 51.86 -39.90
N ILE B 77 36.46 50.91 -39.36
CA ILE B 77 35.61 51.15 -38.20
C ILE B 77 35.97 50.25 -37.02
N LYS B 78 36.23 50.86 -35.87
CA LYS B 78 36.52 50.09 -34.66
C LYS B 78 35.42 50.24 -33.63
N ALA B 79 35.67 49.76 -32.42
CA ALA B 79 34.63 49.76 -31.39
C ALA B 79 34.79 50.94 -30.42
N GLU B 80 33.77 51.79 -30.36
CA GLU B 80 33.78 52.92 -29.44
C GLU B 80 33.84 52.41 -28.00
N ASN B 81 33.18 51.29 -27.76
CA ASN B 81 33.17 50.69 -26.43
C ASN B 81 34.14 49.52 -26.33
N THR B 82 35.39 49.85 -26.00
CA THR B 82 36.44 48.85 -25.88
C THR B 82 36.38 48.05 -24.57
N ASP B 83 35.39 48.37 -23.73
CA ASP B 83 35.29 47.77 -22.40
C ASP B 83 34.71 46.35 -22.39
N ALA B 84 35.17 45.52 -23.32
CA ALA B 84 34.74 44.13 -23.42
C ALA B 84 35.78 43.29 -24.15
N ASN B 85 35.32 42.17 -24.72
CA ASN B 85 36.24 41.18 -25.29
C ASN B 85 35.59 40.30 -26.36
N PHE B 86 36.31 40.07 -27.46
CA PHE B 86 35.80 39.24 -28.56
C PHE B 86 36.37 37.82 -28.50
N TYR B 87 35.65 36.87 -29.09
CA TYR B 87 36.03 35.48 -29.02
C TYR B 87 35.84 34.80 -30.37
N VAL B 88 36.82 34.02 -30.80
CA VAL B 88 36.66 33.22 -32.02
C VAL B 88 36.26 31.83 -31.60
N CYS B 89 35.12 31.35 -32.07
CA CYS B 89 34.60 30.09 -31.58
C CYS B 89 34.52 29.01 -32.65
N PRO B 90 35.57 28.19 -32.75
CA PRO B 90 35.67 27.08 -33.71
C PRO B 90 34.78 25.90 -33.31
N PRO B 91 34.14 25.26 -34.30
CA PRO B 91 33.33 24.07 -34.02
C PRO B 91 34.14 23.00 -33.31
N PRO B 92 33.52 22.33 -32.33
CA PRO B 92 34.12 21.29 -31.48
C PRO B 92 34.31 19.98 -32.23
N THR B 93 35.46 19.35 -32.03
CA THR B 93 35.78 18.09 -32.69
C THR B 93 34.84 16.97 -32.25
N GLY B 94 34.72 16.79 -30.94
CA GLY B 94 34.02 15.64 -30.39
C GLY B 94 34.96 14.86 -29.48
N ALA B 95 36.13 15.45 -29.22
CA ALA B 95 37.11 14.88 -28.31
C ALA B 95 36.66 15.10 -26.88
N THR B 96 36.32 16.36 -26.59
CA THR B 96 35.80 16.72 -25.29
C THR B 96 34.29 16.61 -25.33
N VAL B 97 33.73 15.85 -24.39
CA VAL B 97 32.29 15.65 -24.35
C VAL B 97 31.80 15.69 -22.91
N VAL B 98 30.70 16.43 -22.68
CA VAL B 98 30.13 16.54 -21.34
C VAL B 98 28.65 16.20 -21.29
N GLN B 99 28.14 15.94 -20.09
CA GLN B 99 26.72 15.65 -19.89
C GLN B 99 26.19 16.47 -18.71
N PHE B 100 24.88 16.68 -18.66
CA PHE B 100 24.30 17.41 -17.53
C PHE B 100 24.06 16.49 -16.33
N GLU B 101 24.31 16.99 -15.12
CA GLU B 101 24.03 16.25 -13.90
C GLU B 101 22.55 15.96 -13.84
N GLN B 102 22.20 14.71 -13.53
CA GLN B 102 20.81 14.30 -13.41
C GLN B 102 20.19 14.81 -12.11
N PRO B 103 18.86 14.87 -12.03
CA PRO B 103 18.16 15.38 -10.85
C PRO B 103 18.66 14.74 -9.56
N ARG B 104 18.70 15.52 -8.48
CA ARG B 104 19.22 15.05 -7.21
C ARG B 104 18.08 14.53 -6.37
N ARG B 105 18.35 13.59 -5.48
CA ARG B 105 17.34 13.16 -4.53
C ARG B 105 17.14 14.25 -3.50
N CYS B 106 15.97 14.86 -3.51
CA CYS B 106 15.68 15.95 -2.61
C CYS B 106 15.47 15.47 -1.19
N PRO B 107 15.80 16.31 -0.20
CA PRO B 107 15.64 15.99 1.22
C PRO B 107 14.18 15.82 1.59
N THR B 108 13.91 15.27 2.76
CA THR B 108 12.54 15.09 3.18
C THR B 108 12.31 15.85 4.48
N ARG B 109 11.08 16.32 4.67
CA ARG B 109 10.72 16.93 5.93
C ARG B 109 10.90 15.88 7.00
N PRO B 110 11.45 16.29 8.15
CA PRO B 110 11.63 15.40 9.30
C PRO B 110 10.31 14.76 9.75
N GLU B 111 10.36 13.59 10.40
CA GLU B 111 9.15 12.83 10.70
C GLU B 111 8.20 13.52 11.68
N GLY B 112 8.68 14.60 12.29
CA GLY B 112 7.83 15.43 13.14
C GLY B 112 7.83 15.01 14.60
N GLN B 113 8.07 15.96 15.49
CA GLN B 113 8.12 15.67 16.91
C GLN B 113 6.73 15.39 17.47
N ASN B 114 6.60 14.29 18.20
CA ASN B 114 5.32 13.91 18.82
C ASN B 114 5.16 14.46 20.23
N TYR B 115 4.13 15.27 20.43
CA TYR B 115 3.84 15.88 21.73
C TYR B 115 2.71 15.18 22.46
N THR B 116 2.85 15.06 23.77
CA THR B 116 1.77 14.57 24.61
C THR B 116 1.10 15.75 25.28
N GLU B 117 -0.23 15.79 25.25
CA GLU B 117 -0.97 16.83 25.97
C GLU B 117 -1.09 16.41 27.42
N GLY B 118 -1.10 17.38 28.34
CA GLY B 118 -1.28 17.07 29.75
C GLY B 118 -1.44 18.26 30.68
N ILE B 119 -1.98 18.01 31.87
CA ILE B 119 -2.11 19.02 32.90
C ILE B 119 -0.95 18.84 33.86
N ALA B 120 -0.36 19.93 34.33
CA ALA B 120 0.82 19.83 35.16
C ALA B 120 0.72 20.66 36.42
N VAL B 121 1.37 20.22 37.50
CA VAL B 121 1.58 21.07 38.67
C VAL B 121 3.06 21.07 39.08
N VAL B 122 3.68 22.24 39.09
CA VAL B 122 5.12 22.30 39.40
C VAL B 122 5.39 22.68 40.85
N PHE B 123 6.31 21.96 41.48
CA PHE B 123 6.60 22.14 42.89
C PHE B 123 8.04 22.60 43.13
N LYS B 124 8.23 23.48 44.11
CA LYS B 124 9.56 23.96 44.45
C LYS B 124 9.86 23.63 45.89
N GLU B 125 11.14 23.66 46.25
CA GLU B 125 11.57 23.42 47.63
C GLU B 125 10.91 24.44 48.54
N ASN B 126 10.29 23.98 49.63
CA ASN B 126 9.70 24.88 50.60
C ASN B 126 10.75 25.54 51.50
N ILE B 127 10.85 26.86 51.40
CA ILE B 127 11.77 27.61 52.24
C ILE B 127 11.02 28.36 53.34
N ALA B 128 9.70 28.29 53.30
CA ALA B 128 8.84 28.94 54.28
C ALA B 128 8.73 28.11 55.54
N PRO B 129 8.89 28.76 56.71
CA PRO B 129 8.82 27.98 57.94
C PRO B 129 7.39 27.57 58.25
N TYR B 130 7.23 26.54 59.07
CA TYR B 130 5.93 26.17 59.60
C TYR B 130 5.49 27.23 60.59
N LYS B 131 4.26 27.73 60.41
CA LYS B 131 3.74 28.78 61.28
C LYS B 131 2.52 28.31 62.05
N PHE B 132 2.52 28.47 63.36
CA PHE B 132 1.36 28.12 64.17
C PHE B 132 1.08 29.12 65.29
N LYS B 133 -0.16 29.14 65.77
CA LYS B 133 -0.55 30.06 66.84
C LYS B 133 -0.26 29.51 68.22
N ALA B 134 0.05 30.39 69.17
CA ALA B 134 0.42 29.97 70.51
C ALA B 134 0.14 31.05 71.54
N THR B 135 0.11 30.67 72.82
CA THR B 135 -0.04 31.64 73.90
C THR B 135 1.00 31.46 75.00
N MET B 136 1.50 32.60 75.50
CA MET B 136 2.49 32.62 76.57
C MET B 136 1.81 32.96 77.89
N TYR B 137 2.31 32.34 78.96
CA TYR B 137 1.83 32.64 80.31
C TYR B 137 3.05 32.89 81.20
N TYR B 138 3.22 34.13 81.62
CA TYR B 138 4.31 34.48 82.52
C TYR B 138 3.93 35.68 83.40
N LYS B 139 4.78 36.00 84.37
CA LYS B 139 4.55 37.16 85.21
C LYS B 139 5.80 38.05 85.21
N ASP B 140 5.60 39.37 85.25
CA ASP B 140 6.73 40.27 85.34
C ASP B 140 7.02 40.55 86.81
N VAL B 141 7.95 39.79 87.37
CA VAL B 141 8.34 40.00 88.77
C VAL B 141 9.43 41.06 88.85
N THR B 142 9.10 42.20 89.46
CA THR B 142 10.04 43.31 89.61
C THR B 142 10.20 43.72 91.07
N VAL B 143 11.37 43.45 91.65
CA VAL B 143 11.67 44.00 92.97
C VAL B 143 12.74 45.08 92.89
N SER B 144 12.44 46.24 93.46
CA SER B 144 13.31 47.40 93.37
C SER B 144 13.86 47.76 94.74
N GLN B 145 15.03 48.40 94.74
CA GLN B 145 15.65 48.86 95.96
C GLN B 145 15.78 50.37 95.91
N VAL B 146 15.10 51.07 96.81
CA VAL B 146 15.14 52.53 96.80
C VAL B 146 15.81 53.09 98.06
N TRP B 147 16.64 54.09 97.89
CA TRP B 147 17.25 54.76 99.03
C TRP B 147 16.78 56.21 99.12
N PHE B 148 16.12 56.54 100.23
CA PHE B 148 15.56 57.87 100.42
C PHE B 148 16.55 58.79 101.11
N GLY B 149 16.41 60.09 100.88
CA GLY B 149 17.31 61.07 101.46
C GLY B 149 16.68 62.44 101.43
N HIS B 150 17.49 63.47 101.69
CA HIS B 150 16.98 64.83 101.67
C HIS B 150 17.47 65.57 100.44
N ARG B 151 16.55 65.91 99.54
CA ARG B 151 15.17 65.44 99.61
C ARG B 151 14.78 64.79 98.27
N TYR B 152 15.22 63.55 98.10
CA TYR B 152 15.06 62.83 96.85
C TYR B 152 14.87 61.34 97.09
N SER B 153 14.93 60.58 96.00
CA SER B 153 14.88 59.13 96.04
C SER B 153 15.68 58.61 94.88
N GLN B 154 16.40 57.51 95.08
CA GLN B 154 17.24 56.98 94.02
C GLN B 154 17.30 55.47 94.04
N PHE B 155 17.01 54.87 92.89
CA PHE B 155 17.05 53.42 92.75
C PHE B 155 18.45 52.87 92.96
N MET B 156 18.65 52.10 94.03
CA MET B 156 19.92 51.44 94.26
C MET B 156 20.04 50.22 93.36
N GLY B 157 18.89 49.71 92.92
CA GLY B 157 18.83 48.62 91.94
C GLY B 157 17.41 48.23 91.54
N ILE B 158 17.28 47.56 90.40
CA ILE B 158 15.97 47.02 89.98
C ILE B 158 16.11 45.60 89.44
N PHE B 159 15.53 44.62 90.13
CA PHE B 159 15.58 43.22 89.70
C PHE B 159 14.32 42.81 88.95
N GLU B 160 14.47 42.53 87.66
CA GLU B 160 13.35 42.11 86.83
C GLU B 160 13.56 40.67 86.36
N ASP B 161 12.46 39.93 86.24
CA ASP B 161 12.55 38.53 85.86
C ASP B 161 11.21 38.08 85.28
N ARG B 162 11.23 37.03 84.47
CA ARG B 162 9.97 36.45 84.00
C ARG B 162 9.67 35.12 84.69
N ALA B 163 8.50 35.06 85.30
CA ALA B 163 8.08 33.93 86.09
C ALA B 163 6.98 33.14 85.39
N PRO B 164 7.26 31.88 85.03
CA PRO B 164 6.28 31.04 84.32
C PRO B 164 5.05 30.73 85.18
N VAL B 165 3.87 30.92 84.61
CA VAL B 165 2.64 30.57 85.30
C VAL B 165 2.49 29.05 85.30
N PRO B 166 2.34 28.46 86.50
CA PRO B 166 2.32 26.99 86.65
C PRO B 166 1.24 26.31 85.82
N PHE B 167 1.57 25.11 85.33
CA PHE B 167 0.63 24.24 84.61
C PHE B 167 -0.73 24.11 85.30
N GLU B 168 -0.73 24.16 86.63
CA GLU B 168 -1.96 24.10 87.42
C GLU B 168 -2.78 25.40 87.35
N GLU B 169 -2.07 26.52 87.46
CA GLU B 169 -2.73 27.83 87.52
C GLU B 169 -3.35 28.19 86.19
N VAL B 170 -2.73 27.73 85.10
CA VAL B 170 -3.23 28.02 83.75
C VAL B 170 -4.62 27.42 83.54
N ILE B 171 -4.76 26.13 83.83
CA ILE B 171 -6.02 25.41 83.66
C ILE B 171 -7.09 25.88 84.66
N ASP B 172 -6.77 25.80 85.95
CA ASP B 172 -7.75 25.99 87.02
C ASP B 172 -8.07 27.46 87.38
N LYS B 173 -7.21 28.39 86.98
CA LYS B 173 -7.42 29.80 87.33
C LYS B 173 -7.59 30.71 86.11
N ILE B 174 -6.66 30.61 85.16
CA ILE B 174 -6.62 31.50 83.99
C ILE B 174 -7.64 31.14 82.93
N ASN B 175 -7.50 29.94 82.38
CA ASN B 175 -8.41 29.47 81.34
C ASN B 175 -9.85 29.39 81.82
N ALA B 176 -10.05 28.88 83.03
CA ALA B 176 -11.39 28.66 83.57
C ALA B 176 -12.15 29.96 83.90
N LYS B 177 -11.53 30.81 84.71
CA LYS B 177 -12.21 32.00 85.23
C LYS B 177 -11.65 33.32 84.68
N GLY B 178 -10.43 33.29 84.16
CA GLY B 178 -9.82 34.48 83.60
C GLY B 178 -9.10 35.31 84.63
N VAL B 179 -8.48 34.64 85.60
CA VAL B 179 -7.80 35.32 86.69
C VAL B 179 -6.41 34.75 86.92
N CYS B 180 -5.55 35.52 87.57
CA CYS B 180 -4.20 35.09 87.86
C CYS B 180 -3.85 35.42 89.29
N ARG B 181 -2.94 34.66 89.90
CA ARG B 181 -2.54 34.91 91.29
C ARG B 181 -1.56 36.08 91.39
N SER B 182 -1.70 36.87 92.46
CA SER B 182 -0.82 38.02 92.68
C SER B 182 0.57 37.57 93.12
N THR B 183 0.68 36.31 93.50
CA THR B 183 1.97 35.72 93.85
C THR B 183 2.59 35.12 92.60
N ALA B 184 3.83 34.66 92.73
CA ALA B 184 4.54 34.04 91.61
C ALA B 184 5.65 33.14 92.12
N LYS B 185 5.31 31.91 92.50
CA LYS B 185 6.32 30.95 92.93
C LYS B 185 6.89 30.22 91.73
N TYR B 186 8.21 30.10 91.70
CA TYR B 186 8.90 29.50 90.56
C TYR B 186 10.33 29.11 90.88
N VAL B 187 10.97 28.38 89.97
CA VAL B 187 12.33 27.91 90.19
C VAL B 187 13.36 28.75 89.42
N ARG B 188 14.27 29.35 90.17
CA ARG B 188 15.29 30.20 89.56
C ARG B 188 16.62 29.97 90.27
N ASN B 189 17.68 29.75 89.50
CA ASN B 189 19.01 29.43 90.03
C ASN B 189 19.02 28.35 91.11
N ASN B 190 18.29 27.28 90.87
CA ASN B 190 18.20 26.14 91.79
C ASN B 190 17.61 26.50 93.15
N LEU B 191 16.63 27.42 93.14
CA LEU B 191 15.93 27.81 94.36
C LEU B 191 14.45 28.06 94.09
N GLU B 192 13.59 27.60 94.99
CA GLU B 192 12.17 27.92 94.86
C GLU B 192 11.89 29.30 95.47
N THR B 193 11.79 30.30 94.60
CA THR B 193 11.51 31.68 95.01
C THR B 193 10.01 31.94 95.01
N THR B 194 9.57 32.95 95.75
CA THR B 194 8.16 33.30 95.84
C THR B 194 8.03 34.81 95.92
N ALA B 195 7.37 35.41 94.94
CA ALA B 195 7.21 36.86 94.92
C ALA B 195 5.77 37.25 95.19
N PHE B 196 5.57 38.28 96.02
CA PHE B 196 4.23 38.73 96.36
C PHE B 196 3.99 40.12 95.83
N HIS B 197 2.92 40.27 95.06
CA HIS B 197 2.59 41.57 94.50
C HIS B 197 2.29 42.57 95.60
N ARG B 198 2.95 43.73 95.51
CA ARG B 198 2.79 44.80 96.49
C ARG B 198 3.19 44.37 97.89
N ASP B 199 4.02 43.33 97.99
CA ASP B 199 4.41 42.76 99.28
C ASP B 199 3.20 42.43 100.14
N ASP B 200 2.13 42.01 99.49
CA ASP B 200 0.88 41.70 100.15
C ASP B 200 0.50 40.28 99.71
N HIS B 201 -0.42 39.64 100.43
CA HIS B 201 -0.76 38.25 100.18
C HIS B 201 -1.61 38.05 98.91
N GLU B 202 -1.81 36.78 98.54
CA GLU B 202 -2.49 36.39 97.32
C GLU B 202 -3.91 36.95 97.25
N THR B 203 -4.28 37.52 96.10
CA THR B 203 -5.60 38.12 95.97
C THR B 203 -6.39 37.62 94.77
N ASP B 204 -5.75 36.80 93.92
CA ASP B 204 -6.35 36.36 92.66
C ASP B 204 -6.67 37.57 91.79
N MET B 205 -5.69 38.01 91.01
CA MET B 205 -5.82 39.20 90.16
C MET B 205 -6.63 38.90 88.90
N GLU B 206 -7.47 39.86 88.50
CA GLU B 206 -8.27 39.73 87.29
C GLU B 206 -7.42 40.06 86.07
N LEU B 207 -7.70 39.41 84.94
CA LEU B 207 -6.93 39.64 83.71
C LEU B 207 -7.59 40.64 82.75
N LYS B 208 -6.96 41.79 82.60
CA LYS B 208 -7.49 42.85 81.74
C LYS B 208 -6.65 43.01 80.48
N PRO B 209 -7.31 43.07 79.31
CA PRO B 209 -6.66 43.25 78.00
C PRO B 209 -5.56 44.32 77.98
N ALA B 210 -4.54 44.10 77.16
CA ALA B 210 -3.39 45.00 77.05
C ALA B 210 -3.78 46.37 76.49
N ASN B 211 -2.83 47.31 76.48
CA ASN B 211 -3.10 48.62 75.91
C ASN B 211 -3.14 48.59 74.39
N ALA B 212 -3.45 49.73 73.79
CA ALA B 212 -3.54 49.83 72.33
C ALA B 212 -2.17 49.95 71.70
N ALA B 213 -1.88 49.07 70.74
CA ALA B 213 -0.64 49.14 69.98
C ALA B 213 -0.82 48.52 68.59
N THR B 214 -0.44 49.26 67.56
CA THR B 214 -0.68 48.84 66.17
C THR B 214 0.18 47.66 65.76
N ARG B 215 -0.36 46.82 64.89
CA ARG B 215 0.36 45.64 64.39
C ARG B 215 0.87 44.74 65.52
N THR B 216 0.09 44.61 66.57
CA THR B 216 0.45 43.71 67.66
C THR B 216 -0.64 42.68 67.85
N SER B 217 -0.25 41.52 68.35
CA SER B 217 -1.22 40.50 68.68
C SER B 217 -1.97 40.90 69.96
N ARG B 218 -2.90 40.06 70.41
CA ARG B 218 -3.64 40.32 71.64
C ARG B 218 -2.82 39.92 72.86
N GLY B 219 -3.05 40.63 73.96
CA GLY B 219 -2.38 40.35 75.21
C GLY B 219 -3.18 40.77 76.42
N TRP B 220 -2.87 40.17 77.57
CA TRP B 220 -3.58 40.46 78.81
C TRP B 220 -2.62 40.55 79.99
N HIS B 221 -2.92 41.45 80.92
CA HIS B 221 -2.12 41.62 82.13
C HIS B 221 -3.00 41.97 83.34
N THR B 222 -2.44 41.96 84.54
CA THR B 222 -3.22 42.21 85.75
C THR B 222 -2.96 43.56 86.40
N THR B 223 -1.70 43.99 86.39
CA THR B 223 -1.32 45.21 87.09
C THR B 223 -0.75 46.26 86.12
N ASP B 224 -1.05 47.53 86.36
CA ASP B 224 -0.60 48.60 85.47
C ASP B 224 0.64 49.32 86.04
N LEU B 225 0.81 49.23 87.35
CA LEU B 225 1.82 50.00 88.06
C LEU B 225 2.90 49.14 88.72
N LYS B 226 4.11 49.66 88.80
CA LYS B 226 5.17 49.02 89.58
C LYS B 226 5.04 49.41 91.06
N TYR B 227 5.27 48.47 91.98
CA TYR B 227 5.20 48.80 93.41
C TYR B 227 6.55 49.24 93.97
N ASN B 228 6.54 50.35 94.70
CA ASN B 228 7.72 50.83 95.40
C ASN B 228 7.45 51.07 96.89
N PRO B 229 8.43 50.77 97.75
CA PRO B 229 8.27 50.88 99.20
C PRO B 229 7.96 52.30 99.64
N SER B 230 7.12 52.44 100.65
CA SER B 230 6.82 53.74 101.24
C SER B 230 8.11 54.38 101.74
N ARG B 231 8.19 55.70 101.64
CA ARG B 231 9.39 56.43 102.05
C ARG B 231 9.72 56.24 103.54
N VAL B 232 10.97 55.85 103.79
CA VAL B 232 11.53 55.81 105.13
C VAL B 232 12.94 56.40 105.04
N GLU B 233 13.07 57.69 105.34
CA GLU B 233 14.33 58.42 105.15
C GLU B 233 15.53 57.76 105.83
N ALA B 234 16.69 57.85 105.18
CA ALA B 234 17.93 57.23 105.66
C ALA B 234 17.75 55.73 105.87
N PHE B 235 17.28 55.04 104.83
CA PHE B 235 17.08 53.60 104.89
C PHE B 235 16.76 53.03 103.51
N HIS B 236 17.26 51.83 103.24
CA HIS B 236 16.88 51.10 102.04
C HIS B 236 15.58 50.33 102.29
N ARG B 237 14.93 49.92 101.22
CA ARG B 237 13.73 49.08 101.31
C ARG B 237 13.41 48.42 99.96
N TYR B 238 12.78 47.26 100.01
CA TYR B 238 12.54 46.43 98.83
C TYR B 238 11.05 46.22 98.55
N GLY B 239 10.59 46.71 97.41
CA GLY B 239 9.21 46.54 97.01
C GLY B 239 9.07 45.60 95.83
N THR B 240 8.21 44.59 95.98
CA THR B 240 8.02 43.59 94.93
C THR B 240 6.79 43.90 94.07
N THR B 241 6.95 43.77 92.75
CA THR B 241 5.85 43.97 91.81
C THR B 241 5.61 42.72 90.99
N VAL B 242 4.35 42.29 90.91
CA VAL B 242 4.01 41.11 90.12
C VAL B 242 2.92 41.43 89.11
N ASN B 243 3.24 41.25 87.83
CA ASN B 243 2.27 41.45 86.77
C ASN B 243 2.10 40.20 85.93
N CYS B 244 1.03 39.46 86.18
CA CYS B 244 0.73 38.27 85.41
C CYS B 244 0.34 38.64 83.98
N ILE B 245 1.09 38.11 83.01
CA ILE B 245 0.94 38.49 81.59
C ILE B 245 0.64 37.31 80.67
N VAL B 246 -0.41 37.43 79.87
CA VAL B 246 -0.72 36.40 78.88
C VAL B 246 -0.81 37.01 77.50
N GLU B 247 0.00 36.49 76.58
CA GLU B 247 0.02 37.01 75.23
C GLU B 247 -0.35 35.95 74.21
N GLU B 248 -1.00 36.39 73.13
CA GLU B 248 -1.12 35.55 71.96
C GLU B 248 0.10 35.89 71.11
N VAL B 249 0.87 34.89 70.72
CA VAL B 249 2.03 35.14 69.88
C VAL B 249 2.09 34.14 68.73
N ASP B 250 2.76 34.51 67.64
CA ASP B 250 2.92 33.61 66.53
C ASP B 250 4.17 32.75 66.74
N ALA B 251 4.10 31.51 66.27
CA ALA B 251 5.22 30.59 66.39
C ALA B 251 5.69 30.10 65.03
N ARG B 252 6.99 29.93 64.89
CA ARG B 252 7.62 29.59 63.61
C ARG B 252 8.71 28.55 63.80
N SER B 253 8.65 27.48 63.03
CA SER B 253 9.64 26.42 63.13
C SER B 253 10.13 26.02 61.75
N VAL B 254 11.38 25.55 61.66
CA VAL B 254 11.94 25.09 60.40
C VAL B 254 12.38 23.65 60.50
N TYR B 255 12.51 23.00 59.34
CA TYR B 255 13.03 21.65 59.24
C TYR B 255 14.33 21.51 60.04
N PRO B 256 14.49 20.39 60.77
CA PRO B 256 13.58 19.25 60.86
C PRO B 256 12.48 19.40 61.90
N TYR B 257 12.08 20.62 62.19
CA TYR B 257 10.95 20.89 63.08
C TYR B 257 11.12 20.27 64.48
N ASP B 258 12.31 20.40 65.05
CA ASP B 258 12.59 19.85 66.38
C ASP B 258 12.78 20.93 67.45
N GLU B 259 12.34 22.14 67.13
CA GLU B 259 12.36 23.28 68.04
C GLU B 259 11.66 24.45 67.35
N PHE B 260 11.21 25.44 68.12
CA PHE B 260 10.59 26.61 67.49
C PHE B 260 10.79 27.93 68.25
N VAL B 261 10.36 29.02 67.66
CA VAL B 261 10.47 30.37 68.25
C VAL B 261 9.14 31.11 68.32
N LEU B 262 9.02 32.00 69.29
CA LEU B 262 7.83 32.85 69.41
C LEU B 262 8.05 34.22 68.79
N ALA B 263 7.01 35.03 68.79
CA ALA B 263 7.08 36.37 68.22
C ALA B 263 8.04 37.24 69.03
N THR B 264 8.17 36.91 70.31
CA THR B 264 8.99 37.69 71.25
C THR B 264 10.48 37.40 71.12
N GLY B 265 10.82 36.33 70.43
CA GLY B 265 12.21 36.01 70.17
C GLY B 265 12.73 34.89 71.04
N ASP B 266 11.85 34.31 71.86
CA ASP B 266 12.24 33.21 72.70
C ASP B 266 12.26 31.91 71.91
N PHE B 267 13.27 31.08 72.19
CA PHE B 267 13.33 29.75 71.61
C PHE B 267 12.56 28.78 72.49
N VAL B 268 12.11 27.68 71.91
CA VAL B 268 11.52 26.61 72.67
C VAL B 268 12.09 25.33 72.11
N TYR B 269 12.93 24.66 72.89
CA TYR B 269 13.68 23.52 72.37
C TYR B 269 12.89 22.22 72.32
N MET B 270 11.70 22.28 71.72
CA MET B 270 10.85 21.10 71.56
C MET B 270 10.12 21.16 70.23
N SER B 271 9.93 20.00 69.61
CA SER B 271 9.14 19.92 68.38
C SER B 271 7.71 20.38 68.70
N PRO B 272 7.06 21.07 67.74
CA PRO B 272 5.68 21.48 67.93
C PRO B 272 4.75 20.34 67.61
N PHE B 273 5.33 19.15 67.52
CA PHE B 273 4.59 17.94 67.20
C PHE B 273 4.85 16.88 68.27
N TYR B 274 5.69 17.21 69.25
CA TYR B 274 5.93 16.33 70.39
C TYR B 274 4.66 16.20 71.23
N GLY B 275 4.28 14.97 71.53
CA GLY B 275 3.06 14.71 72.27
C GLY B 275 2.93 13.28 72.74
N TYR B 276 1.85 12.99 73.45
CA TYR B 276 1.60 11.67 74.00
C TYR B 276 0.81 10.79 73.05
N ARG B 277 -0.09 11.42 72.30
CA ARG B 277 -0.86 10.72 71.28
C ARG B 277 0.08 10.13 70.23
N GLU B 278 -0.16 8.87 69.87
CA GLU B 278 0.53 8.21 68.78
C GLU B 278 2.06 8.22 68.93
N GLY B 279 2.75 8.05 67.80
CA GLY B 279 4.20 8.05 67.78
C GLY B 279 4.79 9.45 67.68
N SER B 280 4.31 10.34 68.54
CA SER B 280 4.82 11.72 68.59
C SER B 280 5.85 11.89 69.71
N HIS B 281 5.94 10.90 70.60
N HIS B 281 5.93 10.89 70.60
CA HIS B 281 6.93 10.89 71.67
CA HIS B 281 6.92 10.88 71.67
C HIS B 281 8.33 10.66 71.12
C HIS B 281 8.33 10.72 71.11
N THR B 282 8.41 10.23 69.87
CA THR B 282 9.70 10.01 69.21
C THR B 282 10.36 11.36 68.93
N GLU B 283 9.54 12.41 68.86
CA GLU B 283 10.03 13.74 68.55
C GLU B 283 11.03 14.25 69.59
N HIS B 284 11.82 15.25 69.21
CA HIS B 284 12.87 15.75 70.07
C HIS B 284 12.37 16.70 71.15
N THR B 285 12.91 16.53 72.37
CA THR B 285 12.68 17.45 73.47
C THR B 285 13.97 17.64 74.29
N SER B 286 14.22 18.87 74.74
CA SER B 286 15.39 19.16 75.56
C SER B 286 15.02 19.42 77.03
N TYR B 287 13.82 18.99 77.41
CA TYR B 287 13.25 19.33 78.72
C TYR B 287 12.95 18.10 79.57
N ALA B 288 12.63 18.32 80.84
CA ALA B 288 12.23 17.21 81.72
C ALA B 288 10.73 16.95 81.55
N ALA B 289 10.32 15.71 81.81
CA ALA B 289 8.95 15.30 81.50
C ALA B 289 7.90 16.10 82.28
N ASP B 290 8.28 16.56 83.47
CA ASP B 290 7.36 17.31 84.33
C ASP B 290 7.06 18.72 83.81
N ARG B 291 7.88 19.20 82.89
CA ARG B 291 7.69 20.53 82.32
C ARG B 291 6.58 20.50 81.28
N PHE B 292 6.62 19.48 80.43
CA PHE B 292 5.64 19.32 79.37
C PHE B 292 4.46 18.48 79.82
N LYS B 293 3.27 19.01 79.65
CA LYS B 293 2.06 18.30 80.02
C LYS B 293 0.96 18.46 78.97
N GLN B 294 0.69 17.39 78.22
CA GLN B 294 -0.36 17.37 77.21
C GLN B 294 -1.70 17.01 77.85
N VAL B 295 -2.74 17.75 77.47
CA VAL B 295 -4.08 17.50 77.98
C VAL B 295 -5.02 17.08 76.86
N ASP B 296 -6.23 16.66 77.21
CA ASP B 296 -7.22 16.34 76.21
C ASP B 296 -8.56 16.99 76.50
N GLY B 297 -9.34 17.21 75.45
CA GLY B 297 -10.64 17.85 75.57
C GLY B 297 -10.54 19.21 76.21
N PHE B 298 -9.73 20.09 75.62
CA PHE B 298 -9.54 21.41 76.19
C PHE B 298 -10.39 22.48 75.50
N TYR B 299 -11.42 22.93 76.20
CA TYR B 299 -12.28 24.00 75.73
C TYR B 299 -11.73 25.34 76.19
N ALA B 300 -11.04 26.04 75.30
CA ALA B 300 -10.42 27.31 75.63
C ALA B 300 -11.47 28.40 75.93
N ARG B 301 -11.02 29.50 76.54
CA ARG B 301 -11.91 30.58 76.93
C ARG B 301 -11.32 31.95 76.59
N ASP B 302 -11.97 32.66 75.67
CA ASP B 302 -11.47 33.95 75.16
C ASP B 302 -11.44 35.01 76.26
N LEU B 303 -10.24 35.39 76.69
CA LEU B 303 -10.08 36.28 77.82
C LEU B 303 -10.57 37.71 77.59
N THR B 304 -11.02 38.00 76.37
CA THR B 304 -11.51 39.35 76.06
C THR B 304 -13.04 39.40 76.00
N THR B 305 -13.64 38.43 75.30
CA THR B 305 -15.09 38.38 75.19
C THR B 305 -15.70 37.48 76.28
N LYS B 306 -14.84 36.78 77.01
CA LYS B 306 -15.25 35.82 78.04
C LYS B 306 -16.02 34.63 77.45
N ALA B 307 -15.90 34.46 76.14
CA ALA B 307 -16.58 33.37 75.43
C ALA B 307 -15.84 32.04 75.62
N ARG B 308 -16.51 30.94 75.33
CA ARG B 308 -15.92 29.61 75.48
C ARG B 308 -15.74 28.93 74.13
N ALA B 309 -14.92 27.87 74.11
CA ALA B 309 -14.67 27.14 72.87
C ALA B 309 -15.64 25.97 72.72
N THR B 310 -15.94 25.62 71.47
CA THR B 310 -16.89 24.55 71.18
C THR B 310 -16.19 23.33 70.60
N ALA B 311 -14.87 23.40 70.44
CA ALA B 311 -14.11 22.29 69.88
C ALA B 311 -12.98 21.87 70.82
N PRO B 312 -12.97 20.58 71.20
CA PRO B 312 -11.92 20.02 72.08
C PRO B 312 -10.58 19.88 71.35
N THR B 313 -9.62 20.74 71.68
CA THR B 313 -8.29 20.67 71.09
C THR B 313 -7.38 19.90 72.03
N THR B 314 -6.51 19.06 71.50
CA THR B 314 -5.50 18.43 72.34
C THR B 314 -4.40 19.47 72.58
N ARG B 315 -4.47 20.13 73.74
CA ARG B 315 -3.61 21.26 74.04
C ARG B 315 -2.31 20.85 74.70
N ASN B 316 -1.20 21.38 74.19
CA ASN B 316 0.11 21.13 74.78
C ASN B 316 0.53 22.31 75.63
N LEU B 317 1.17 22.02 76.77
CA LEU B 317 1.70 23.06 77.65
C LEU B 317 3.11 22.75 78.11
N LEU B 318 4.07 23.54 77.63
CA LEU B 318 5.46 23.40 78.06
C LEU B 318 5.81 24.51 79.06
N THR B 319 6.42 24.15 80.18
CA THR B 319 6.81 25.14 81.17
C THR B 319 8.31 25.44 81.16
N THR B 320 8.67 26.53 80.51
CA THR B 320 10.08 26.96 80.45
C THR B 320 10.42 27.79 81.69
N PRO B 321 11.74 27.92 81.99
CA PRO B 321 12.23 28.71 83.12
C PRO B 321 11.75 30.16 83.14
N LYS B 322 11.34 30.67 81.98
CA LYS B 322 10.92 32.06 81.85
C LYS B 322 9.42 32.21 81.56
N PHE B 323 8.80 31.15 81.05
CA PHE B 323 7.40 31.23 80.61
C PHE B 323 6.78 29.85 80.35
N THR B 324 5.51 29.86 79.99
CA THR B 324 4.79 28.63 79.65
C THR B 324 4.06 28.84 78.33
N VAL B 325 4.32 27.97 77.35
CA VAL B 325 3.70 28.08 76.03
C VAL B 325 2.59 27.07 75.88
N ALA B 326 1.47 27.49 75.30
CA ALA B 326 0.35 26.61 75.06
C ALA B 326 -0.07 26.68 73.61
N TRP B 327 -0.22 25.52 72.99
CA TRP B 327 -0.65 25.46 71.60
C TRP B 327 -1.37 24.14 71.30
N ASP B 328 -2.20 24.13 70.25
CA ASP B 328 -2.98 22.95 69.91
C ASP B 328 -2.13 21.93 69.18
N TRP B 329 -2.25 20.68 69.59
CA TRP B 329 -1.45 19.64 68.97
C TRP B 329 -2.11 19.12 67.72
N VAL B 330 -1.34 19.11 66.64
CA VAL B 330 -1.77 18.62 65.34
C VAL B 330 -0.66 17.70 64.80
N PRO B 331 -1.04 16.64 64.05
CA PRO B 331 -0.07 15.69 63.52
C PRO B 331 0.93 16.36 62.57
N LYS B 332 2.16 15.86 62.56
CA LYS B 332 3.23 16.48 61.76
C LYS B 332 3.00 16.36 60.24
N ARG B 333 3.00 15.14 59.72
CA ARG B 333 2.87 14.89 58.28
C ARG B 333 1.76 15.68 57.54
N PRO B 334 0.54 15.71 58.09
CA PRO B 334 -0.53 16.41 57.37
C PRO B 334 -0.52 17.94 57.49
N SER B 335 0.59 18.55 57.89
CA SER B 335 0.55 19.98 58.16
C SER B 335 1.87 20.70 57.84
N VAL B 336 2.90 19.91 57.56
CA VAL B 336 4.15 20.45 57.01
C VAL B 336 4.41 19.83 55.63
N CYS B 337 5.41 20.36 54.92
CA CYS B 337 5.78 19.82 53.62
C CYS B 337 7.11 20.44 53.18
N THR B 338 8.04 19.60 52.73
CA THR B 338 9.33 20.08 52.24
C THR B 338 9.24 20.59 50.80
N MET B 339 8.03 20.59 50.25
CA MET B 339 7.78 21.12 48.91
C MET B 339 6.58 22.05 48.92
N THR B 340 6.55 22.99 47.99
CA THR B 340 5.42 23.91 47.81
C THR B 340 4.93 23.88 46.36
N LYS B 341 3.61 23.83 46.17
CA LYS B 341 3.04 24.04 44.84
C LYS B 341 3.46 25.42 44.34
N TRP B 342 4.01 25.47 43.14
CA TRP B 342 4.50 26.73 42.58
C TRP B 342 3.64 27.23 41.43
N GLN B 343 3.44 26.39 40.42
CA GLN B 343 2.70 26.78 39.23
C GLN B 343 1.79 25.65 38.78
N GLU B 344 0.50 25.96 38.58
CA GLU B 344 -0.42 25.05 37.94
C GLU B 344 -0.41 25.37 36.45
N VAL B 345 -0.28 24.35 35.62
CA VAL B 345 -0.18 24.57 34.17
C VAL B 345 -1.24 23.77 33.42
N ASP B 346 -2.12 24.47 32.69
CA ASP B 346 -3.20 23.81 31.98
C ASP B 346 -2.67 22.93 30.84
N GLU B 347 -1.99 23.56 29.89
CA GLU B 347 -1.37 22.83 28.79
C GLU B 347 0.14 22.73 28.99
N MET B 348 0.58 21.55 29.40
CA MET B 348 2.00 21.26 29.53
C MET B 348 2.34 20.16 28.55
N LEU B 349 3.10 20.49 27.50
CA LEU B 349 3.37 19.51 26.45
C LEU B 349 4.61 18.67 26.74
N ARG B 350 4.45 17.36 26.80
CA ARG B 350 5.61 16.51 26.98
C ARG B 350 6.07 15.89 25.66
N SER B 351 7.35 16.05 25.35
CA SER B 351 7.93 15.37 24.20
C SER B 351 9.15 14.54 24.62
N GLU B 352 9.42 13.46 23.90
CA GLU B 352 10.59 12.65 24.19
C GLU B 352 11.69 13.02 23.21
N TYR B 353 12.86 13.37 23.74
CA TYR B 353 13.94 13.89 22.93
C TYR B 353 15.29 13.77 23.62
N GLY B 354 16.04 12.74 23.23
CA GLY B 354 17.41 12.56 23.71
C GLY B 354 17.53 11.73 24.97
N GLY B 355 16.68 10.70 25.09
CA GLY B 355 16.66 9.91 26.31
C GLY B 355 16.23 10.72 27.51
N SER B 356 15.55 11.84 27.24
CA SER B 356 15.04 12.76 28.27
C SER B 356 13.67 13.27 27.86
N PHE B 357 12.86 13.71 28.82
CA PHE B 357 11.59 14.37 28.52
C PHE B 357 11.74 15.89 28.44
N ARG B 358 10.86 16.54 27.70
CA ARG B 358 10.77 17.99 27.76
C ARG B 358 9.32 18.39 27.99
N PHE B 359 9.08 19.00 29.14
CA PHE B 359 7.79 19.60 29.47
C PHE B 359 7.90 21.07 29.10
N SER B 360 7.14 21.51 28.11
CA SER B 360 7.14 22.93 27.78
C SER B 360 5.79 23.51 28.14
N SER B 361 5.78 24.76 28.59
CA SER B 361 4.53 25.43 28.91
C SER B 361 4.48 26.74 28.15
N ASP B 362 3.54 26.85 27.23
CA ASP B 362 3.43 28.04 26.41
C ASP B 362 3.07 29.23 27.28
N ALA B 363 2.34 28.95 28.37
CA ALA B 363 1.82 29.99 29.24
C ALA B 363 2.91 30.69 30.06
N ILE B 364 3.72 29.91 30.77
CA ILE B 364 4.80 30.49 31.54
C ILE B 364 6.14 30.53 30.78
N SER B 365 6.12 30.12 29.52
CA SER B 365 7.31 30.18 28.66
C SER B 365 8.45 29.43 29.33
N THR B 366 8.21 28.17 29.63
CA THR B 366 9.17 27.41 30.38
C THR B 366 9.29 26.01 29.81
N THR B 367 10.54 25.56 29.61
CA THR B 367 10.79 24.15 29.24
C THR B 367 11.65 23.45 30.30
N PHE B 368 11.06 22.46 30.97
CA PHE B 368 11.80 21.63 31.92
C PHE B 368 12.27 20.36 31.24
N THR B 369 13.40 19.81 31.70
CA THR B 369 13.93 18.58 31.11
C THR B 369 14.15 17.55 32.22
N THR B 370 13.66 16.33 32.03
CA THR B 370 13.77 15.31 33.07
C THR B 370 14.16 13.94 32.51
N ASN B 371 14.54 13.02 33.38
CA ASN B 371 14.81 11.66 32.93
C ASN B 371 13.50 10.97 32.55
N LEU B 372 13.61 9.84 31.87
CA LEU B 372 12.43 9.13 31.39
C LEU B 372 11.73 8.36 32.50
N THR B 373 12.46 8.04 33.56
CA THR B 373 11.84 7.34 34.69
C THR B 373 11.18 8.34 35.63
N GLU B 374 10.11 7.92 36.28
CA GLU B 374 9.44 8.77 37.26
C GLU B 374 10.28 8.91 38.50
N TYR B 375 9.96 9.90 39.32
CA TYR B 375 10.62 10.10 40.58
C TYR B 375 9.69 9.64 41.67
N PRO B 376 10.12 8.66 42.46
CA PRO B 376 9.31 8.10 43.54
C PRO B 376 9.07 9.10 44.66
N LEU B 377 7.82 9.31 45.05
CA LEU B 377 7.50 10.21 46.17
C LEU B 377 7.85 9.55 47.51
N SER B 378 8.26 8.29 47.46
CA SER B 378 8.65 7.54 48.63
C SER B 378 10.04 7.97 49.07
N ARG B 379 10.72 8.69 48.18
CA ARG B 379 12.06 9.18 48.45
C ARG B 379 12.02 10.59 49.03
N VAL B 380 10.84 11.20 48.98
CA VAL B 380 10.65 12.56 49.49
C VAL B 380 10.34 12.57 50.98
N ASP B 381 11.09 13.35 51.73
CA ASP B 381 10.89 13.45 53.17
C ASP B 381 9.77 14.44 53.49
N LEU B 382 8.74 13.98 54.21
CA LEU B 382 7.57 14.80 54.54
C LEU B 382 6.98 15.46 53.29
N GLY B 383 6.34 14.65 52.45
CA GLY B 383 5.80 15.18 51.21
C GLY B 383 4.37 14.75 50.98
N ASP B 384 3.57 14.72 52.05
CA ASP B 384 2.19 14.30 51.93
C ASP B 384 1.38 15.29 51.10
N CYS B 385 1.76 16.56 51.15
CA CYS B 385 1.00 17.59 50.46
C CYS B 385 1.04 17.43 48.93
N ILE B 386 2.18 16.98 48.39
CA ILE B 386 2.38 16.89 46.94
C ILE B 386 1.31 16.05 46.25
N GLY B 387 0.94 14.93 46.85
CA GLY B 387 -0.13 14.13 46.32
C GLY B 387 -1.48 14.82 46.38
N LYS B 388 -1.85 15.28 47.58
CA LYS B 388 -3.13 15.98 47.78
C LYS B 388 -3.22 17.24 46.91
N ASP B 389 -2.17 18.05 46.94
CA ASP B 389 -2.18 19.34 46.23
C ASP B 389 -2.28 19.19 44.73
N ALA B 390 -1.56 18.22 44.20
CA ALA B 390 -1.54 17.97 42.78
C ALA B 390 -2.91 17.53 42.26
N ARG B 391 -3.49 16.49 42.86
CA ARG B 391 -4.76 15.97 42.38
C ARG B 391 -5.84 17.05 42.46
N ASP B 392 -5.87 17.78 43.57
CA ASP B 392 -6.90 18.80 43.80
C ASP B 392 -6.96 19.83 42.70
N ALA B 393 -5.81 20.10 42.09
CA ALA B 393 -5.74 21.08 41.01
C ALA B 393 -5.98 20.41 39.66
N MET B 394 -5.42 19.21 39.50
CA MET B 394 -5.57 18.47 38.25
C MET B 394 -7.01 18.07 38.01
N ASP B 395 -7.66 17.59 39.06
CA ASP B 395 -9.07 17.24 38.96
C ASP B 395 -9.89 18.51 38.73
N ARG B 396 -9.42 19.61 39.29
CA ARG B 396 -10.11 20.89 39.15
C ARG B 396 -10.03 21.41 37.71
N ILE B 397 -8.85 21.27 37.12
CA ILE B 397 -8.58 21.77 35.77
C ILE B 397 -9.16 20.86 34.68
N PHE B 398 -9.05 19.56 34.86
CA PHE B 398 -9.58 18.61 33.89
C PHE B 398 -11.10 18.76 33.78
N ALA B 399 -11.74 19.05 34.91
CA ALA B 399 -13.19 19.18 34.94
C ALA B 399 -13.64 20.52 34.35
N ARG B 400 -12.72 21.46 34.23
CA ARG B 400 -13.02 22.75 33.62
C ARG B 400 -12.70 22.80 32.12
N ARG B 401 -11.58 22.20 31.72
CA ARG B 401 -11.09 22.38 30.34
C ARG B 401 -11.14 21.13 29.44
N TYR B 402 -11.05 19.94 30.03
CA TYR B 402 -10.93 18.73 29.23
C TYR B 402 -12.05 17.70 29.46
N ASN B 403 -13.01 18.05 30.31
CA ASN B 403 -14.05 17.10 30.74
C ASN B 403 -14.80 16.39 29.62
N ALA B 404 -14.68 16.93 28.41
CA ALA B 404 -15.44 16.43 27.26
C ALA B 404 -14.61 16.27 26.00
N THR B 405 -13.39 16.82 26.01
CA THR B 405 -12.52 16.82 24.83
C THR B 405 -11.44 15.74 24.90
N HIS B 406 -10.99 15.43 26.11
CA HIS B 406 -9.88 14.50 26.30
C HIS B 406 -10.20 13.40 27.30
N ILE B 407 -9.23 12.52 27.50
CA ILE B 407 -9.35 11.41 28.45
C ILE B 407 -8.07 11.33 29.28
N LYS B 408 -8.21 11.19 30.60
CA LYS B 408 -7.03 10.94 31.44
C LYS B 408 -6.42 9.60 31.05
N VAL B 409 -5.11 9.58 30.86
CA VAL B 409 -4.37 8.35 30.58
C VAL B 409 -3.51 8.00 31.79
N GLY B 410 -3.96 7.00 32.55
CA GLY B 410 -3.25 6.59 33.75
C GLY B 410 -3.37 7.55 34.93
N GLN B 411 -2.83 7.14 36.06
CA GLN B 411 -2.76 7.96 37.26
C GLN B 411 -1.69 9.01 37.08
N PRO B 412 -1.79 10.12 37.83
CA PRO B 412 -0.80 11.20 37.78
C PRO B 412 0.64 10.72 37.98
N GLN B 413 1.58 11.42 37.35
CA GLN B 413 2.96 11.01 37.37
C GLN B 413 3.82 12.12 37.97
N TYR B 414 5.01 11.77 38.47
CA TYR B 414 5.91 12.76 39.04
C TYR B 414 7.30 12.64 38.46
N TYR B 415 7.86 13.75 38.01
CA TYR B 415 9.18 13.74 37.42
C TYR B 415 10.00 14.83 38.08
N LEU B 416 11.28 14.56 38.27
CA LEU B 416 12.20 15.54 38.84
C LEU B 416 12.96 16.24 37.73
N ALA B 417 12.67 17.52 37.53
CA ALA B 417 13.27 18.29 36.45
C ALA B 417 14.58 18.94 36.85
N ASN B 418 15.39 19.29 35.86
CA ASN B 418 16.65 19.98 36.13
C ASN B 418 16.39 21.31 36.78
N GLY B 419 17.04 21.53 37.93
CA GLY B 419 16.88 22.76 38.65
C GLY B 419 16.20 22.50 39.98
N GLY B 420 15.85 21.24 40.21
CA GLY B 420 15.17 20.84 41.43
C GLY B 420 13.69 21.17 41.40
N PHE B 421 13.06 21.03 40.24
CA PHE B 421 11.61 21.22 40.16
C PHE B 421 10.90 19.88 40.05
N LEU B 422 9.94 19.64 40.94
CA LEU B 422 9.16 18.41 40.88
C LEU B 422 7.88 18.66 40.12
N ILE B 423 7.70 17.92 39.03
CA ILE B 423 6.57 18.12 38.13
C ILE B 423 5.51 17.01 38.25
N ALA B 424 4.30 17.37 38.66
CA ALA B 424 3.21 16.39 38.61
C ALA B 424 2.61 16.52 37.22
N TYR B 425 2.36 15.37 36.57
CA TYR B 425 1.91 15.37 35.20
C TYR B 425 0.78 14.38 35.00
N GLN B 426 -0.29 14.84 34.35
CA GLN B 426 -1.40 13.99 34.01
C GLN B 426 -1.52 13.96 32.49
N PRO B 427 -1.09 12.86 31.88
CA PRO B 427 -1.19 12.67 30.43
C PRO B 427 -2.65 12.65 29.98
N LEU B 428 -2.93 13.32 28.88
CA LEU B 428 -4.28 13.37 28.33
C LEU B 428 -4.29 12.74 26.95
N LEU B 429 -5.48 12.45 26.45
CA LEU B 429 -5.61 11.95 25.08
C LEU B 429 -6.92 12.46 24.47
N SER B 430 -6.82 13.12 23.32
CA SER B 430 -8.00 13.62 22.63
C SER B 430 -8.89 12.46 22.19
N ASN B 431 -10.20 12.63 22.32
CA ASN B 431 -11.16 11.58 21.98
C ASN B 431 -11.02 11.09 20.54
N THR B 432 -10.56 11.99 19.67
CA THR B 432 -10.39 11.69 18.26
C THR B 432 -9.44 10.52 18.05
N LEU B 433 -8.46 10.42 18.93
CA LEU B 433 -7.45 9.39 18.85
C LEU B 433 -7.60 8.39 19.99
N ALA B 434 -8.83 8.13 20.40
CA ALA B 434 -9.10 7.31 21.58
C ALA B 434 -8.55 5.89 21.48
N GLU B 435 -8.26 5.44 20.26
CA GLU B 435 -7.77 4.08 20.03
C GLU B 435 -6.33 3.86 20.50
N LEU B 436 -5.62 4.94 20.79
CA LEU B 436 -4.25 4.84 21.26
C LEU B 436 -4.15 4.74 22.79
N TYR B 437 -5.26 4.45 23.46
CA TYR B 437 -5.23 4.34 24.91
C TYR B 437 -4.34 3.16 25.29
N VAL B 438 -4.76 1.98 24.86
CA VAL B 438 -4.05 0.74 25.16
C VAL B 438 -2.56 0.86 24.81
N ARG B 439 -2.27 1.46 23.67
CA ARG B 439 -0.89 1.61 23.19
C ARG B 439 -0.03 2.48 24.12
N GLU B 440 -0.57 3.60 24.58
CA GLU B 440 0.20 4.55 25.37
C GLU B 440 0.07 4.33 26.87
N HIS B 441 -1.03 3.73 27.29
CA HIS B 441 -1.25 3.42 28.71
C HIS B 441 -0.15 2.51 29.22
N LEU B 442 0.21 1.53 28.40
CA LEU B 442 1.30 0.61 28.74
C LEU B 442 2.60 1.38 28.89
N ARG B 443 2.82 2.34 28.00
CA ARG B 443 4.02 3.18 28.04
C ARG B 443 4.06 4.05 29.31
N GLU B 444 2.89 4.53 29.73
CA GLU B 444 2.79 5.34 30.93
C GLU B 444 3.02 4.51 32.20
N GLN B 445 2.81 3.20 32.10
CA GLN B 445 3.08 2.28 33.20
C GLN B 445 4.59 2.05 33.36
N SER B 446 5.31 2.08 32.23
CA SER B 446 6.75 1.84 32.23
C SER B 446 7.50 2.83 33.12
N ARG B 447 7.04 4.08 33.11
CA ARG B 447 7.70 5.14 33.84
C ARG B 447 7.55 5.00 35.36
N LYS B 448 6.47 4.35 35.80
CA LYS B 448 6.28 4.09 37.23
C LYS B 448 7.49 3.37 37.82
N PRO B 449 7.96 3.83 38.98
CA PRO B 449 9.13 3.28 39.69
C PRO B 449 8.76 2.10 40.60
N PRO B 450 9.74 1.22 40.90
CA PRO B 450 9.49 0.05 41.76
C PRO B 450 9.72 0.35 43.23
N VAL B 465 15.70 8.81 53.16
CA VAL B 465 15.08 9.87 52.37
C VAL B 465 15.97 11.11 52.29
N GLU B 466 15.68 11.97 51.31
CA GLU B 466 16.47 13.19 51.12
C GLU B 466 15.57 14.40 50.81
N ARG B 467 16.20 15.55 50.59
CA ARG B 467 15.46 16.78 50.26
C ARG B 467 15.83 17.32 48.88
N ILE B 468 14.83 17.85 48.18
CA ILE B 468 15.02 18.42 46.85
C ILE B 468 15.44 19.89 46.92
N LYS B 469 16.53 20.26 46.27
CA LYS B 469 16.98 21.65 46.32
C LYS B 469 16.71 22.39 45.00
N THR B 470 15.99 23.50 45.11
CA THR B 470 15.56 24.27 43.94
C THR B 470 16.34 25.56 43.79
N THR B 471 16.85 25.77 42.58
CA THR B 471 17.54 27.01 42.23
C THR B 471 16.56 28.16 42.33
N SER B 472 17.09 29.37 42.45
CA SER B 472 16.24 30.54 42.59
C SER B 472 15.98 31.12 41.22
N SER B 473 16.76 30.67 40.26
CA SER B 473 16.63 31.18 38.90
C SER B 473 15.91 30.18 38.00
N ILE B 474 14.83 30.62 37.35
CA ILE B 474 14.14 29.79 36.36
C ILE B 474 14.61 30.18 34.96
N GLU B 475 15.46 31.19 34.85
CA GLU B 475 15.75 31.78 33.55
C GLU B 475 16.29 30.79 32.52
N PHE B 476 17.00 29.79 33.02
CA PHE B 476 17.54 28.74 32.14
C PHE B 476 16.43 27.97 31.40
N ALA B 477 15.36 27.63 32.11
CA ALA B 477 14.25 26.91 31.50
C ALA B 477 13.47 27.81 30.54
N ARG B 478 13.59 29.12 30.72
CA ARG B 478 12.91 30.05 29.82
C ARG B 478 13.80 30.31 28.62
N LEU B 479 15.11 30.41 28.86
CA LEU B 479 16.08 30.40 27.75
C LEU B 479 15.82 29.17 26.88
N GLN B 480 15.82 28.00 27.52
CA GLN B 480 15.45 26.76 26.86
C GLN B 480 14.21 26.92 26.02
N PHE B 481 13.11 27.32 26.66
CA PHE B 481 11.85 27.45 25.96
C PHE B 481 11.98 28.34 24.73
N THR B 482 12.50 29.54 24.96
CA THR B 482 12.62 30.55 23.92
C THR B 482 13.44 30.04 22.74
N TYR B 483 14.61 29.50 23.05
CA TYR B 483 15.53 29.04 22.02
C TYR B 483 14.92 27.89 21.24
N ASN B 484 14.32 26.94 21.93
CA ASN B 484 13.74 25.82 21.23
C ASN B 484 12.67 26.27 20.27
N HIS B 485 12.02 27.40 20.55
CA HIS B 485 10.94 27.82 19.68
C HIS B 485 11.43 28.49 18.41
N ILE B 486 12.36 29.43 18.58
CA ILE B 486 13.03 30.03 17.44
C ILE B 486 13.73 28.93 16.65
N GLN B 487 14.49 28.07 17.33
CA GLN B 487 15.22 27.01 16.64
C GLN B 487 14.29 26.17 15.75
N ARG B 488 13.28 25.54 16.37
CA ARG B 488 12.35 24.68 15.64
C ARG B 488 11.74 25.37 14.41
N HIS B 489 11.49 26.66 14.53
CA HIS B 489 10.80 27.41 13.47
C HIS B 489 11.72 27.68 12.30
N VAL B 490 12.86 28.27 12.63
CA VAL B 490 13.88 28.56 11.65
C VAL B 490 14.28 27.26 10.98
N ASN B 491 14.54 26.21 11.74
CA ASN B 491 14.92 24.96 11.12
C ASN B 491 13.83 24.43 10.20
N ASP B 492 12.58 24.67 10.58
CA ASP B 492 11.48 24.17 9.80
C ASP B 492 11.45 24.85 8.44
N MET B 493 11.37 26.17 8.47
CA MET B 493 11.22 26.95 7.25
C MET B 493 12.41 26.80 6.32
N LEU B 494 13.64 27.04 6.79
CA LEU B 494 14.80 26.88 5.93
C LEU B 494 14.89 25.46 5.35
N GLY B 495 14.48 24.47 6.14
CA GLY B 495 14.39 23.12 5.63
C GLY B 495 13.47 23.06 4.41
N ARG B 496 12.38 23.81 4.45
CA ARG B 496 11.40 23.80 3.37
C ARG B 496 11.94 24.51 2.14
N VAL B 497 12.56 25.66 2.36
CA VAL B 497 13.29 26.32 1.30
C VAL B 497 14.28 25.35 0.64
N ALA B 498 15.09 24.68 1.44
CA ALA B 498 16.07 23.73 0.91
C ALA B 498 15.41 22.69 0.00
N ILE B 499 14.21 22.25 0.36
CA ILE B 499 13.52 21.26 -0.46
C ILE B 499 12.97 21.89 -1.73
N ALA B 500 12.36 23.06 -1.56
CA ALA B 500 11.77 23.77 -2.68
C ALA B 500 12.88 24.12 -3.65
N TRP B 501 14.03 24.53 -3.11
CA TRP B 501 15.15 24.91 -3.93
C TRP B 501 15.61 23.72 -4.74
N CYS B 502 15.64 22.56 -4.10
CA CYS B 502 16.11 21.38 -4.78
C CYS B 502 15.15 20.93 -5.88
N GLU B 503 13.85 20.99 -5.59
CA GLU B 503 12.84 20.64 -6.59
C GLU B 503 12.96 21.52 -7.83
N LEU B 504 13.18 22.81 -7.58
CA LEU B 504 13.30 23.80 -8.64
C LEU B 504 14.49 23.55 -9.57
N GLN B 505 15.65 23.26 -8.98
CA GLN B 505 16.81 22.96 -9.79
C GLN B 505 16.50 21.74 -10.65
N ASN B 506 15.88 20.73 -10.06
CA ASN B 506 15.51 19.54 -10.80
C ASN B 506 14.58 19.85 -11.96
N HIS B 507 13.52 20.60 -11.71
CA HIS B 507 12.55 20.88 -12.75
C HIS B 507 13.11 21.73 -13.87
N GLU B 508 13.92 22.71 -13.53
CA GLU B 508 14.43 23.59 -14.56
C GLU B 508 15.45 22.95 -15.47
N LEU B 509 15.98 21.81 -15.08
CA LEU B 509 16.83 21.02 -15.97
C LEU B 509 16.12 20.75 -17.29
N THR B 510 14.80 20.58 -17.25
CA THR B 510 14.02 20.28 -18.44
C THR B 510 14.09 21.46 -19.40
N LEU B 511 14.03 22.67 -18.87
CA LEU B 511 14.23 23.85 -19.69
C LEU B 511 15.67 23.91 -20.20
N TRP B 512 16.65 23.61 -19.35
CA TRP B 512 18.03 23.69 -19.80
C TRP B 512 18.28 22.74 -20.94
N ASN B 513 17.62 21.58 -20.88
CA ASN B 513 17.78 20.58 -21.91
C ASN B 513 17.31 21.07 -23.26
N GLU B 514 16.19 21.79 -23.29
CA GLU B 514 15.64 22.21 -24.56
C GLU B 514 16.34 23.45 -25.07
N ALA B 515 16.92 24.21 -24.14
CA ALA B 515 17.68 25.40 -24.48
C ALA B 515 19.00 25.07 -25.16
N ARG B 516 19.63 23.96 -24.77
CA ARG B 516 20.96 23.69 -25.28
C ARG B 516 20.93 23.33 -26.76
N LYS B 517 19.77 22.90 -27.26
CA LYS B 517 19.63 22.64 -28.67
C LYS B 517 19.60 23.97 -29.42
N LEU B 518 18.90 24.94 -28.84
CA LEU B 518 18.68 26.23 -29.49
C LEU B 518 19.92 27.09 -29.54
N ASN B 519 20.82 26.89 -28.60
CA ASN B 519 22.01 27.72 -28.57
C ASN B 519 23.06 27.04 -27.71
N PRO B 520 23.71 26.03 -28.30
CA PRO B 520 24.69 25.23 -27.57
C PRO B 520 25.83 26.09 -27.05
N ASN B 521 26.14 27.17 -27.75
CA ASN B 521 27.27 27.98 -27.35
C ASN B 521 27.08 28.69 -26.03
N THR B 522 25.94 29.35 -25.87
CA THR B 522 25.69 30.16 -24.68
C THR B 522 25.35 29.32 -23.47
N ILE B 523 24.51 28.32 -23.68
CA ILE B 523 24.14 27.40 -22.62
C ILE B 523 25.40 26.74 -22.08
N ALA B 524 26.17 26.06 -22.94
CA ALA B 524 27.39 25.40 -22.50
C ALA B 524 28.33 26.36 -21.77
N SER B 525 28.41 27.61 -22.25
CA SER B 525 29.26 28.60 -21.61
C SER B 525 28.82 28.91 -20.19
N VAL B 526 27.53 29.08 -19.98
CA VAL B 526 27.04 29.34 -18.63
C VAL B 526 27.23 28.15 -17.72
N THR B 527 27.05 26.95 -18.25
CA THR B 527 27.08 25.75 -17.43
C THR B 527 28.50 25.44 -16.95
N VAL B 528 29.46 25.48 -17.87
CA VAL B 528 30.84 25.15 -17.55
C VAL B 528 31.53 26.34 -16.87
N GLY B 529 31.05 27.54 -17.15
CA GLY B 529 31.56 28.73 -16.47
C GLY B 529 32.57 29.53 -17.27
N ARG B 530 32.67 29.26 -18.57
CA ARG B 530 33.59 29.98 -19.42
C ARG B 530 33.17 29.96 -20.88
N ARG B 531 33.64 30.94 -21.64
CA ARG B 531 33.35 31.01 -23.07
C ARG B 531 33.90 29.77 -23.76
N VAL B 532 32.99 28.97 -24.32
CA VAL B 532 33.37 27.80 -25.08
C VAL B 532 32.57 27.74 -26.36
N SER B 533 32.97 26.85 -27.26
CA SER B 533 32.16 26.57 -28.43
C SER B 533 31.57 25.18 -28.24
N ALA B 534 30.30 25.04 -28.58
CA ALA B 534 29.62 23.78 -28.31
C ALA B 534 28.71 23.29 -29.44
N ARG B 535 28.36 22.02 -29.35
CA ARG B 535 27.66 21.34 -30.42
C ARG B 535 27.09 20.05 -29.86
N MET B 536 25.86 19.72 -30.24
CA MET B 536 25.25 18.48 -29.80
C MET B 536 25.81 17.29 -30.56
N LEU B 537 26.26 16.27 -29.85
CA LEU B 537 26.62 15.00 -30.48
C LEU B 537 25.62 13.92 -30.14
N GLY B 538 24.34 14.20 -30.39
CA GLY B 538 23.30 13.29 -29.98
C GLY B 538 22.70 13.73 -28.65
N ASP B 539 23.11 13.05 -27.58
CA ASP B 539 22.54 13.30 -26.26
C ASP B 539 23.54 13.96 -25.30
N VAL B 540 24.77 14.12 -25.78
CA VAL B 540 25.80 14.82 -25.03
C VAL B 540 26.28 16.05 -25.79
N MET B 541 26.93 16.97 -25.10
CA MET B 541 27.49 18.13 -25.78
C MET B 541 28.99 18.02 -25.92
N ALA B 542 29.47 18.35 -27.11
CA ALA B 542 30.89 18.49 -27.35
C ALA B 542 31.26 19.94 -27.12
N VAL B 543 32.42 20.16 -26.50
CA VAL B 543 32.88 21.51 -26.24
C VAL B 543 34.36 21.70 -26.59
N SER B 544 34.66 22.80 -27.28
CA SER B 544 36.03 23.20 -27.50
C SER B 544 36.14 24.63 -26.97
N THR B 545 37.32 24.98 -26.47
CA THR B 545 37.53 26.31 -25.91
C THR B 545 37.51 27.37 -26.99
N CYS B 546 37.20 28.60 -26.58
CA CYS B 546 37.21 29.71 -27.52
C CYS B 546 38.56 30.41 -27.49
N VAL B 547 38.80 31.26 -28.48
CA VAL B 547 40.01 32.09 -28.50
C VAL B 547 39.63 33.55 -28.36
N PRO B 548 40.28 34.26 -27.43
CA PRO B 548 40.04 35.70 -27.24
C PRO B 548 40.65 36.50 -28.39
N VAL B 549 40.12 37.70 -28.61
CA VAL B 549 40.68 38.65 -29.57
C VAL B 549 40.54 40.05 -28.97
N ALA B 550 41.67 40.77 -28.89
CA ALA B 550 41.67 42.14 -28.38
C ALA B 550 40.68 43.04 -29.13
N ALA B 551 40.02 43.95 -28.42
CA ALA B 551 39.00 44.82 -29.04
C ALA B 551 39.54 45.73 -30.17
N ASP B 552 40.76 46.24 -30.01
CA ASP B 552 41.34 47.13 -31.01
C ASP B 552 41.74 46.37 -32.28
N ASN B 553 41.68 45.05 -32.21
CA ASN B 553 42.01 44.19 -33.34
C ASN B 553 40.81 43.73 -34.16
N VAL B 554 39.66 44.38 -33.97
CA VAL B 554 38.47 44.03 -34.72
C VAL B 554 37.94 45.22 -35.52
N ILE B 555 37.55 44.96 -36.76
CA ILE B 555 37.06 45.99 -37.67
C ILE B 555 35.73 45.54 -38.28
N VAL B 556 34.70 46.37 -38.15
CA VAL B 556 33.41 46.10 -38.79
C VAL B 556 33.30 46.90 -40.09
N GLN B 557 32.59 46.37 -41.07
CA GLN B 557 32.52 46.99 -42.38
C GLN B 557 31.12 47.52 -42.73
N ASN B 558 31.10 48.61 -43.50
CA ASN B 558 29.89 49.37 -43.80
C ASN B 558 28.74 48.57 -44.39
N SER B 559 29.00 47.91 -45.51
CA SER B 559 27.93 47.25 -46.25
C SER B 559 27.51 45.93 -45.63
N MET B 560 26.20 45.72 -45.53
CA MET B 560 25.68 44.42 -45.13
C MET B 560 25.00 43.77 -46.33
N ARG B 561 24.98 44.50 -47.45
CA ARG B 561 24.48 43.95 -48.71
C ARG B 561 25.61 43.42 -49.58
N ILE B 562 25.30 42.38 -50.34
CA ILE B 562 26.31 41.71 -51.15
C ILE B 562 26.52 42.42 -52.49
N SER B 563 25.45 42.99 -53.03
CA SER B 563 25.49 43.79 -54.26
C SER B 563 26.02 43.05 -55.50
N SER B 564 27.10 42.27 -55.33
CA SER B 564 27.60 41.39 -56.38
C SER B 564 26.51 40.39 -56.78
N ARG B 565 25.92 39.73 -55.79
CA ARG B 565 24.70 38.95 -56.00
C ARG B 565 23.51 39.60 -55.28
N PRO B 566 22.82 40.52 -55.96
CA PRO B 566 21.67 41.24 -55.40
C PRO B 566 20.53 40.30 -55.00
N GLY B 567 19.50 40.86 -54.37
CA GLY B 567 18.38 40.06 -53.91
C GLY B 567 18.62 39.54 -52.51
N ALA B 568 19.87 39.31 -52.17
CA ALA B 568 20.22 38.84 -50.83
C ALA B 568 21.30 39.69 -50.15
N CYS B 569 21.26 39.73 -48.82
CA CYS B 569 22.21 40.51 -48.02
C CYS B 569 22.74 39.69 -46.84
N TYR B 570 23.71 40.24 -46.12
CA TYR B 570 24.20 39.64 -44.88
C TYR B 570 23.28 40.00 -43.73
N SER B 571 22.85 38.99 -42.98
CA SER B 571 21.95 39.22 -41.85
C SER B 571 22.67 39.84 -40.66
N ARG B 572 23.98 39.64 -40.59
CA ARG B 572 24.83 40.22 -39.55
C ARG B 572 26.10 40.83 -40.14
N PRO B 573 26.62 41.91 -39.51
CA PRO B 573 27.77 42.68 -40.00
C PRO B 573 28.98 41.86 -40.46
N LEU B 574 29.69 42.38 -41.45
CA LEU B 574 30.95 41.79 -41.86
C LEU B 574 32.07 42.35 -41.00
N VAL B 575 33.02 41.51 -40.64
CA VAL B 575 34.15 41.97 -39.84
C VAL B 575 35.49 41.40 -40.30
N SER B 576 36.55 42.13 -39.99
CA SER B 576 37.89 41.64 -40.21
C SER B 576 38.65 41.81 -38.92
N PHE B 577 39.59 40.91 -38.67
CA PHE B 577 40.31 40.94 -37.41
C PHE B 577 41.67 40.25 -37.51
N ARG B 578 42.47 40.42 -36.47
CA ARG B 578 43.76 39.75 -36.36
C ARG B 578 43.95 39.27 -34.92
N TYR B 579 44.50 38.06 -34.77
CA TYR B 579 44.72 37.49 -33.45
C TYR B 579 45.80 38.24 -32.71
N GLU B 580 46.83 38.67 -33.44
CA GLU B 580 47.95 39.40 -32.86
C GLU B 580 48.03 40.82 -33.45
N ASP B 581 48.60 41.74 -32.67
CA ASP B 581 48.66 43.16 -33.05
C ASP B 581 49.40 43.45 -34.36
N GLN B 582 50.02 42.42 -34.92
CA GLN B 582 50.79 42.54 -36.15
C GLN B 582 50.36 41.47 -37.14
N GLY B 583 49.53 40.55 -36.67
CA GLY B 583 49.14 39.39 -37.45
C GLY B 583 48.32 39.68 -38.69
N PRO B 584 48.20 38.68 -39.57
CA PRO B 584 47.40 38.79 -40.80
C PRO B 584 45.95 39.08 -40.50
N LEU B 585 45.29 39.75 -41.45
CA LEU B 585 43.89 40.11 -41.34
C LEU B 585 43.00 38.91 -41.67
N VAL B 586 42.00 38.65 -40.84
CA VAL B 586 41.09 37.54 -41.09
C VAL B 586 39.69 38.03 -41.44
N GLU B 587 39.17 37.62 -42.59
CA GLU B 587 37.80 37.94 -42.94
C GLU B 587 36.84 37.00 -42.23
N GLY B 588 35.78 37.58 -41.65
CA GLY B 588 34.78 36.80 -40.95
C GLY B 588 33.48 37.57 -40.67
N GLN B 589 32.56 36.93 -39.97
CA GLN B 589 31.28 37.55 -39.66
C GLN B 589 31.08 37.68 -38.15
N LEU B 590 30.34 38.72 -37.76
CA LEU B 590 30.04 38.99 -36.35
C LEU B 590 28.86 38.16 -35.87
N GLY B 591 29.08 37.32 -34.87
CA GLY B 591 27.99 36.57 -34.27
C GLY B 591 27.47 37.25 -33.02
N GLU B 592 26.60 36.59 -32.29
CA GLU B 592 26.14 37.15 -31.04
C GLU B 592 27.27 37.12 -30.01
N ASN B 593 27.11 37.89 -28.95
CA ASN B 593 28.03 37.87 -27.82
C ASN B 593 29.49 38.08 -28.23
N ASN B 594 29.69 38.95 -29.22
CA ASN B 594 31.03 39.31 -29.68
C ASN B 594 31.84 38.12 -30.22
N GLU B 595 31.15 37.08 -30.67
CA GLU B 595 31.81 35.97 -31.33
C GLU B 595 32.18 36.38 -32.75
N LEU B 596 33.38 35.99 -33.19
CA LEU B 596 33.82 36.25 -34.55
C LEU B 596 33.74 34.97 -35.38
N ARG B 597 32.74 34.88 -36.25
CA ARG B 597 32.57 33.70 -37.09
C ARG B 597 33.51 33.74 -38.30
N LEU B 598 34.16 32.62 -38.61
CA LEU B 598 35.16 32.62 -39.69
C LEU B 598 34.54 32.45 -41.08
N THR B 599 33.25 32.13 -41.13
CA THR B 599 32.58 31.90 -42.41
C THR B 599 31.45 32.90 -42.61
N ARG B 600 31.55 33.70 -43.67
CA ARG B 600 30.51 34.67 -43.98
C ARG B 600 29.40 34.02 -44.79
N ASP B 601 28.56 33.24 -44.11
CA ASP B 601 27.45 32.55 -44.77
C ASP B 601 26.08 33.02 -44.29
N ALA B 602 26.06 33.73 -43.15
CA ALA B 602 24.81 34.24 -42.60
C ALA B 602 24.15 35.23 -43.55
N ILE B 603 23.33 34.70 -44.46
CA ILE B 603 22.73 35.47 -45.55
C ILE B 603 21.21 35.48 -45.47
N GLU B 604 20.61 36.66 -45.61
CA GLU B 604 19.17 36.81 -45.67
C GLU B 604 18.81 37.68 -46.87
N PRO B 605 17.61 37.50 -47.43
CA PRO B 605 17.11 38.34 -48.53
C PRO B 605 16.91 39.78 -48.07
N CYS B 606 17.16 40.75 -48.94
CA CYS B 606 17.06 42.17 -48.56
C CYS B 606 15.68 42.56 -48.04
N THR B 607 15.57 43.76 -47.46
CA THR B 607 14.33 44.20 -46.83
C THR B 607 14.28 45.73 -46.70
N VAL B 608 13.12 46.32 -46.98
CA VAL B 608 12.95 47.76 -46.83
C VAL B 608 12.73 48.12 -45.36
N GLY B 609 13.21 49.30 -44.95
CA GLY B 609 13.03 49.78 -43.59
C GLY B 609 13.85 49.01 -42.57
N HIS B 610 14.74 48.15 -43.06
CA HIS B 610 15.59 47.32 -42.21
C HIS B 610 16.44 48.19 -41.30
N ARG B 611 16.40 47.86 -40.01
CA ARG B 611 17.23 48.51 -39.01
C ARG B 611 17.50 47.53 -37.89
N ARG B 612 18.78 47.37 -37.54
CA ARG B 612 19.20 46.41 -36.54
C ARG B 612 20.32 46.94 -35.66
N TYR B 613 20.26 46.60 -34.38
CA TYR B 613 21.34 46.87 -33.43
C TYR B 613 22.13 45.57 -33.26
N PHE B 614 23.46 45.66 -33.15
CA PHE B 614 24.26 44.45 -32.97
C PHE B 614 25.27 44.60 -31.82
N THR B 615 25.23 43.67 -30.87
CA THR B 615 26.23 43.62 -29.80
C THR B 615 27.61 43.68 -30.42
N PHE B 616 28.41 44.68 -30.04
CA PHE B 616 29.72 44.88 -30.63
C PHE B 616 30.63 45.59 -29.63
N GLY B 617 31.54 44.84 -29.04
CA GLY B 617 32.37 45.38 -27.98
C GLY B 617 31.56 45.52 -26.71
N GLY B 618 31.79 46.60 -25.98
CA GLY B 618 31.05 46.86 -24.76
C GLY B 618 29.76 47.61 -25.05
N GLY B 619 29.39 47.66 -26.33
CA GLY B 619 28.17 48.34 -26.74
C GLY B 619 27.52 47.73 -27.96
N TYR B 620 26.72 48.55 -28.64
CA TYR B 620 26.01 48.12 -29.83
C TYR B 620 26.50 48.87 -31.08
N VAL B 621 26.28 48.28 -32.24
CA VAL B 621 26.53 48.94 -33.52
C VAL B 621 25.24 48.95 -34.36
N TYR B 622 24.73 50.14 -34.66
CA TYR B 622 23.43 50.26 -35.33
C TYR B 622 23.59 50.30 -36.86
N PHE B 623 22.76 49.53 -37.56
CA PHE B 623 22.77 49.53 -39.02
C PHE B 623 21.41 49.93 -39.54
N GLU B 624 21.37 50.80 -40.54
CA GLU B 624 20.11 51.18 -41.14
C GLU B 624 20.16 50.89 -42.64
N GLU B 625 19.19 50.12 -43.12
CA GLU B 625 19.11 49.74 -44.53
C GLU B 625 20.37 49.02 -44.98
N TYR B 626 20.83 48.07 -44.17
CA TYR B 626 21.99 47.24 -44.50
C TYR B 626 23.31 48.00 -44.66
N ALA B 627 23.33 49.23 -44.15
CA ALA B 627 24.53 50.06 -44.14
C ALA B 627 24.84 50.54 -42.73
N TYR B 628 26.12 50.66 -42.41
CA TYR B 628 26.57 51.15 -41.10
C TYR B 628 26.05 52.56 -40.80
N SER B 629 25.60 52.75 -39.56
CA SER B 629 25.08 54.04 -39.11
C SER B 629 25.95 54.67 -38.01
N HIS B 630 25.99 54.04 -36.84
CA HIS B 630 26.83 54.53 -35.73
C HIS B 630 26.95 53.48 -34.63
N GLN B 631 27.48 53.87 -33.47
CA GLN B 631 27.55 52.95 -32.35
C GLN B 631 26.94 53.57 -31.11
N LEU B 632 26.45 52.72 -30.21
CA LEU B 632 25.85 53.18 -28.97
C LEU B 632 26.52 52.51 -27.79
N SER B 633 26.25 53.06 -26.61
CA SER B 633 26.61 52.42 -25.35
C SER B 633 25.35 51.83 -24.78
N ARG B 634 25.51 50.81 -23.94
CA ARG B 634 24.36 50.14 -23.36
C ARG B 634 23.43 51.13 -22.66
N ALA B 635 24.01 52.16 -22.06
CA ALA B 635 23.23 53.18 -21.36
C ALA B 635 22.28 53.92 -22.29
N ASP B 636 22.65 53.98 -23.57
CA ASP B 636 21.81 54.67 -24.56
C ASP B 636 20.51 53.91 -24.83
N ILE B 637 20.45 52.64 -24.44
CA ILE B 637 19.26 51.82 -24.65
C ILE B 637 18.59 51.47 -23.32
N THR B 638 17.27 51.64 -23.26
CA THR B 638 16.47 51.32 -22.07
C THR B 638 16.72 49.91 -21.57
N THR B 639 16.84 49.73 -20.26
CA THR B 639 17.07 48.39 -19.73
C THR B 639 15.86 47.81 -18.99
N VAL B 640 15.54 46.55 -19.26
CA VAL B 640 14.49 45.85 -18.53
C VAL B 640 15.08 44.58 -17.92
N SER B 641 14.56 44.09 -16.80
CA SER B 641 15.23 42.96 -16.13
C SER B 641 14.41 41.66 -16.03
N THR B 642 15.07 40.52 -16.27
CA THR B 642 14.45 39.22 -16.13
C THR B 642 14.64 38.75 -14.69
N PHE B 643 15.53 39.44 -13.98
CA PHE B 643 15.86 39.12 -12.58
C PHE B 643 14.74 39.53 -11.64
N ILE B 644 14.52 38.68 -10.65
CA ILE B 644 13.50 38.94 -9.63
C ILE B 644 14.19 39.27 -8.32
N ASP B 645 13.77 40.38 -7.71
CA ASP B 645 14.55 40.93 -6.62
C ASP B 645 14.34 40.16 -5.33
N LEU B 646 15.32 40.27 -4.45
CA LEU B 646 15.19 39.74 -3.10
C LEU B 646 16.09 40.56 -2.18
N ASN B 647 15.47 41.38 -1.34
CA ASN B 647 16.21 42.26 -0.44
C ASN B 647 16.37 41.61 0.94
N ILE B 648 17.43 40.83 1.10
CA ILE B 648 17.74 40.19 2.37
C ILE B 648 18.76 41.03 3.13
N THR B 649 18.44 41.43 4.36
CA THR B 649 19.38 42.19 5.19
C THR B 649 19.79 41.40 6.42
N MET B 650 20.94 41.74 7.00
CA MET B 650 21.42 41.03 8.17
C MET B 650 20.69 41.50 9.41
N LEU B 651 20.52 40.59 10.37
CA LEU B 651 19.98 40.91 11.69
C LEU B 651 21.08 41.58 12.48
N GLU B 652 20.84 42.80 12.95
CA GLU B 652 21.92 43.58 13.50
C GLU B 652 22.53 43.01 14.78
N ASP B 653 23.83 43.27 14.95
CA ASP B 653 24.52 43.02 16.20
C ASP B 653 23.83 43.79 17.31
N HIS B 654 23.73 43.20 18.48
CA HIS B 654 23.10 43.87 19.61
C HIS B 654 23.79 43.53 20.94
N GLU B 655 23.85 44.50 21.85
CA GLU B 655 24.52 44.24 23.10
C GLU B 655 23.61 44.34 24.32
N PHE B 656 23.61 43.26 25.09
CA PHE B 656 22.79 43.17 26.29
C PHE B 656 23.56 43.65 27.51
N VAL B 657 23.29 44.85 27.99
CA VAL B 657 24.03 45.34 29.16
C VAL B 657 23.52 44.66 30.40
N PRO B 658 24.33 44.64 31.47
CA PRO B 658 23.78 44.07 32.71
C PRO B 658 22.65 44.94 33.22
N LEU B 659 21.61 44.31 33.75
CA LEU B 659 20.45 45.07 34.23
C LEU B 659 19.81 44.34 35.40
N GLU B 660 19.74 45.02 36.55
CA GLU B 660 19.12 44.48 37.75
C GLU B 660 18.02 45.43 38.20
N VAL B 661 16.89 44.89 38.61
CA VAL B 661 15.83 45.73 39.18
C VAL B 661 16.28 46.29 40.53
N TYR B 662 16.60 45.40 41.46
CA TYR B 662 17.23 45.80 42.73
C TYR B 662 18.57 45.09 42.86
N THR B 663 19.61 45.86 43.14
CA THR B 663 20.93 45.29 43.34
C THR B 663 20.98 44.59 44.68
N ARG B 664 21.99 43.75 44.86
CA ARG B 664 22.16 42.99 46.09
C ARG B 664 22.16 43.90 47.32
N HIS B 665 22.86 45.03 47.24
CA HIS B 665 22.91 45.96 48.36
C HIS B 665 21.55 46.59 48.63
N GLU B 666 20.78 46.86 47.57
CA GLU B 666 19.48 47.47 47.76
C GLU B 666 18.61 46.53 48.57
N ILE B 667 18.75 45.23 48.33
CA ILE B 667 18.03 44.22 49.08
C ILE B 667 18.47 44.20 50.54
N LYS B 668 19.78 44.33 50.77
CA LYS B 668 20.28 44.32 52.13
C LYS B 668 19.80 45.54 52.89
N ASP B 669 19.84 46.70 52.22
CA ASP B 669 19.52 47.96 52.87
C ASP B 669 18.03 48.19 53.04
N SER B 670 17.23 47.23 52.57
CA SER B 670 15.77 47.33 52.68
C SER B 670 15.31 46.94 54.07
N GLY B 671 16.10 46.11 54.76
CA GLY B 671 15.82 45.76 56.14
C GLY B 671 15.88 46.98 57.06
N LEU B 672 14.85 47.15 57.88
CA LEU B 672 14.73 48.33 58.74
C LEU B 672 15.86 48.45 59.76
N LEU B 673 16.17 47.34 60.43
CA LEU B 673 17.28 47.28 61.37
C LEU B 673 18.25 46.17 60.99
N ASP B 674 19.54 46.48 60.90
CA ASP B 674 20.54 45.44 60.68
C ASP B 674 21.15 44.97 62.00
N TYR B 675 20.92 43.70 62.34
CA TYR B 675 21.42 43.11 63.58
C TYR B 675 22.90 43.34 63.75
N THR B 676 23.68 43.13 62.69
CA THR B 676 25.12 43.33 62.72
C THR B 676 25.51 44.80 62.92
N GLU B 677 24.84 45.73 62.23
CA GLU B 677 25.16 47.15 62.39
C GLU B 677 24.89 47.66 63.80
N VAL B 678 24.01 46.96 64.52
CA VAL B 678 23.59 47.36 65.85
C VAL B 678 24.48 46.76 66.93
N GLN B 679 24.74 45.47 66.83
CA GLN B 679 25.65 44.83 67.76
C GLN B 679 27.04 45.45 67.69
N ARG B 680 27.48 45.78 66.47
CA ARG B 680 28.78 46.43 66.29
C ARG B 680 28.85 47.74 67.06
N ARG B 681 27.77 48.51 67.00
CA ARG B 681 27.72 49.81 67.62
C ARG B 681 27.48 49.69 69.12
N ASN B 682 26.54 48.83 69.49
CA ASN B 682 26.22 48.56 70.88
C ASN B 682 27.41 48.07 71.66
N GLN B 683 28.20 47.21 71.02
CA GLN B 683 29.35 46.60 71.68
C GLN B 683 30.58 47.51 71.62
N LEU B 684 30.40 48.70 71.08
CA LEU B 684 31.48 49.69 71.06
C LEU B 684 31.35 50.67 72.21
N HIS B 685 30.17 50.67 72.84
CA HIS B 685 29.80 51.72 73.78
C HIS B 685 30.79 51.92 74.93
N ASP B 686 31.38 50.83 75.40
CA ASP B 686 32.34 50.94 76.48
C ASP B 686 33.62 51.60 75.99
N LEU B 687 34.03 51.28 74.77
CA LEU B 687 35.24 51.86 74.21
C LEU B 687 35.04 53.35 73.90
N ARG B 688 33.89 53.68 73.29
CA ARG B 688 33.60 55.04 72.90
C ARG B 688 33.37 56.03 74.06
N PHE B 689 32.98 55.53 75.23
CA PHE B 689 32.51 56.42 76.29
C PHE B 689 33.07 56.15 77.69
N ALA B 690 33.98 55.20 77.83
CA ALA B 690 34.53 54.89 79.15
C ALA B 690 35.93 54.31 79.09
N ASP B 691 36.37 53.78 80.22
CA ASP B 691 37.69 53.18 80.35
C ASP B 691 37.57 51.77 80.90
N ILE B 692 38.23 50.83 80.23
CA ILE B 692 38.21 49.43 80.60
C ILE B 692 39.61 48.96 81.00
N ASP B 693 40.41 49.87 81.53
CA ASP B 693 41.81 49.56 81.83
C ASP B 693 42.22 49.97 83.23
N THR B 694 41.96 51.23 83.60
CA THR B 694 42.37 51.73 84.91
C THR B 694 41.69 50.99 86.05
N VAL B 695 42.50 50.56 87.00
CA VAL B 695 42.01 49.95 88.23
C VAL B 695 42.26 50.93 89.38
N ILE B 696 41.21 51.25 90.15
CA ILE B 696 41.32 52.22 91.24
C ILE B 696 41.27 51.53 92.61
N HIS B 697 41.88 52.15 93.61
CA HIS B 697 41.91 51.61 94.95
C HIS B 697 41.34 52.59 95.97
C1 NAG C . 5.06 -21.11 -35.43
C2 NAG C . 4.61 -21.95 -36.61
C3 NAG C . 5.47 -23.20 -36.73
C4 NAG C . 6.95 -22.85 -36.72
C5 NAG C . 7.27 -21.91 -35.56
C6 NAG C . 8.70 -21.39 -35.57
C7 NAG C . 2.35 -22.31 -37.54
C8 NAG C . 0.94 -22.70 -37.23
N2 NAG C . 3.20 -22.30 -36.49
O3 NAG C . 5.11 -23.87 -37.93
O4 NAG C . 7.75 -24.02 -36.55
O5 NAG C . 6.41 -20.77 -35.59
O6 NAG C . 9.46 -21.97 -34.53
O7 NAG C . 2.73 -22.04 -38.68
C1 NAG C . 7.99 -24.76 -37.76
C2 NAG C . 9.46 -24.65 -38.21
C3 NAG C . 9.71 -25.52 -39.44
C4 NAG C . 9.24 -26.95 -39.20
C5 NAG C . 7.79 -26.95 -38.75
C6 NAG C . 7.27 -28.32 -38.40
C7 NAG C . 10.87 -22.64 -37.97
C8 NAG C . 11.06 -21.21 -38.38
N2 NAG C . 9.80 -23.26 -38.49
O3 NAG C . 11.09 -25.52 -39.77
O4 NAG C . 9.37 -27.71 -40.39
O5 NAG C . 7.66 -26.15 -37.56
O6 NAG C . 8.09 -28.95 -37.41
O7 NAG C . 11.64 -23.21 -37.21
C1 NAG D . -27.46 -3.09 -30.56
C2 NAG D . -28.50 -2.64 -31.59
C3 NAG D . -29.87 -2.52 -30.94
C4 NAG D . -30.27 -3.88 -30.35
C5 NAG D . -29.22 -4.30 -29.31
C6 NAG D . -29.46 -5.67 -28.74
C7 NAG D . -28.01 -1.26 -33.57
C8 NAG D . -27.60 0.10 -34.06
N2 NAG D . -28.12 -1.40 -32.24
O3 NAG D . -30.81 -2.07 -31.89
O4 NAG D . -31.57 -3.84 -29.75
O5 NAG D . -27.91 -4.33 -29.92
O6 NAG D . -30.82 -5.85 -28.34
O7 NAG D . -28.23 -2.19 -34.33
C1 NAG D . -32.63 -4.21 -30.67
C2 NAG D . -34.03 -4.18 -29.96
C3 NAG D . -35.17 -4.25 -30.99
C4 NAG D . -34.97 -3.28 -32.14
C5 NAG D . -33.62 -3.54 -32.78
C6 NAG D . -33.33 -2.64 -33.95
C7 NAG D . -34.78 -5.18 -27.83
C8 NAG D . -35.34 -3.84 -27.48
N2 NAG D . -34.15 -5.27 -29.02
O3 NAG D . -36.42 -3.97 -30.35
O4 NAG D . -35.99 -3.44 -33.11
O5 NAG D . -32.62 -3.30 -31.78
O6 NAG D . -32.14 -1.88 -33.75
O7 NAG D . -34.86 -6.15 -27.07
C1 NAG E . -3.13 -11.87 -16.35
C2 NAG E . -1.75 -12.50 -16.07
C3 NAG E . -1.19 -11.96 -14.74
C4 NAG E . -1.21 -10.44 -14.74
C5 NAG E . -2.60 -9.93 -15.06
C6 NAG E . -2.69 -8.43 -15.16
C7 NAG E . -0.81 -14.77 -16.26
C8 NAG E . -1.09 -16.24 -16.18
N2 NAG E . -1.85 -13.96 -16.03
O3 NAG E . 0.14 -12.44 -14.57
O4 NAG E . -0.80 -9.95 -13.46
O5 NAG E . -3.02 -10.46 -16.33
O6 NAG E . -4.02 -8.01 -15.40
O7 NAG E . 0.31 -14.33 -16.51
C1 NAG F . -21.55 -44.28 0.42
C2 NAG F . -22.40 -45.11 1.39
C3 NAG F . -22.30 -46.59 1.02
C4 NAG F . -22.65 -46.80 -0.46
C5 NAG F . -21.82 -45.88 -1.35
C6 NAG F . -22.23 -45.94 -2.80
C7 NAG F . -22.22 -43.77 3.46
C8 NAG F . -21.73 -43.76 4.87
N2 NAG F . -21.99 -44.90 2.77
O3 NAG F . -23.20 -47.34 1.84
O4 NAG F . -22.38 -48.15 -0.82
O5 NAG F . -21.98 -44.51 -0.93
O6 NAG F . -22.50 -44.64 -3.32
O7 NAG F . -22.77 -42.80 2.96
CL CL G . -9.11 -23.62 -24.23
C1 NAG H . 6.66 10.36 16.14
C2 NAG H . 8.12 9.96 15.87
C3 NAG H . 8.20 9.10 14.60
C4 NAG H . 7.25 7.92 14.68
C5 NAG H . 5.84 8.41 15.00
C6 NAG H . 4.86 7.28 15.22
C7 NAG H . 10.22 11.17 16.19
C8 NAG H . 10.96 12.47 16.00
N2 NAG H . 8.96 11.13 15.75
O3 NAG H . 9.54 8.63 14.44
O4 NAG H . 7.23 7.22 13.44
O5 NAG H . 5.85 9.18 16.22
O6 NAG H . 3.62 7.75 15.73
O7 NAG H . 10.76 10.20 16.71
C1 NAG I . 19.00 11.25 35.27
C2 NAG I . 19.23 12.28 36.37
C3 NAG I . 20.72 12.61 36.48
C4 NAG I . 21.54 11.33 36.64
C5 NAG I . 21.20 10.34 35.53
C6 NAG I . 21.90 9.01 35.69
C7 NAG I . 17.74 14.10 37.05
C8 NAG I . 17.00 15.33 36.61
N2 NAG I . 18.46 13.49 36.11
O3 NAG I . 20.94 13.46 37.60
O4 NAG I . 22.94 11.64 36.59
O5 NAG I . 19.79 10.09 35.53
O6 NAG I . 23.15 9.14 36.35
O7 NAG I . 17.69 13.68 38.21
C1 NAG J . -17.32 20.64 30.98
C2 NAG J . -18.21 21.30 32.02
C3 NAG J . -19.04 22.42 31.39
C4 NAG J . -18.14 23.40 30.64
C5 NAG J . -17.24 22.66 29.65
C6 NAG J . -16.23 23.55 28.98
C7 NAG J . -18.80 19.73 33.83
C8 NAG J . -19.81 18.74 34.32
N2 NAG J . -19.08 20.32 32.65
O3 NAG J . -19.76 23.11 32.39
O4 NAG J . -18.93 24.34 29.94
O5 NAG J . -16.50 21.64 30.35
O6 NAG J . -16.86 24.58 28.24
O7 NAG J . -17.79 20.00 34.46
C1 NAG K . 16.25 46.79 1.32
C2 NAG K . 16.04 48.28 1.02
C3 NAG K . 16.37 49.12 2.25
C4 NAG K . 15.60 48.62 3.47
C5 NAG K . 15.84 47.12 3.67
C6 NAG K . 15.01 46.53 4.79
C7 NAG K . 16.40 48.62 -1.39
C8 NAG K . 17.33 49.14 -2.45
N2 NAG K . 16.82 48.73 -0.13
O3 NAG K . 16.07 50.49 1.99
O4 NAG K . 16.00 49.33 4.63
O5 NAG K . 15.49 46.40 2.47
O6 NAG K . 14.21 47.50 5.44
O7 NAG K . 15.32 48.11 -1.67
#